data_1I7X
#
_entry.id   1I7X
#
_cell.length_a   180.8
_cell.length_b   134.2
_cell.length_c   94.2
_cell.angle_alpha   90.0
_cell.angle_beta   94.3
_cell.angle_gamma   90.0
#
_symmetry.space_group_name_H-M   'C 1 2 1'
#
loop_
_entity.id
_entity.type
_entity.pdbx_description
1 polymer BETA-CATENIN
2 polymer EPITHELIAL-CADHERIN
3 water water
#
loop_
_entity_poly.entity_id
_entity_poly.type
_entity_poly.pdbx_seq_one_letter_code
_entity_poly.pdbx_strand_id
1 'polypeptide(L)'
;HAVVNLINYQDDAELATRAIPELTKLLNDEDQVVVNKAAVMVHQLSKKEASRHAIMRSPQMVSAIVRTMQNTNDVETARC
TAGTLHNLSHHREGLLAIFKSGGIPALVKMLGSPVDSVLFYAITTLHNLLLHQEGAKMAVRLAGGLQKMVALLNKTNVKF
LAITTDCLQILAYGNQESKLIILASGGPQALVNIMRTYTYEKLLWTTSRVLKVLSVCSSNKPAIVEAGGMQALGLHLTDP
SQRLVQNCLWTLRNLSDAATKQEGMEGLLGTLVQLLGSDDINVVTCAAGILSNLTCNNYKNKMMVCQVGGIEALVRTVLR
AGDREDITEPAICALRHLTSRHQEAEMAQNAVRLHYGLPVVVKLLHPPSHWPLIKATVGLIRNLALCPANHAPLREQGAI
PRLVQLLVRAHQDTQRRTSMGGTQQQFVEGVRMEEIVEGCTGALHILARDVHNRIVIRGLNTIPLFVQLLYSPIENIQRV
AAGVLCELAQDKEAAEAIEAEGATAPLTELLHSRNEGVATYAAAVLFRMSEDKPQDYK
;
A,C
2 'polypeptide(L)'
;RRRTVVKEPLLPPDDDTRDNVYYYDEEGGGEEDQDFDLSQLHRGLDARPEVTRNDVAPTLMSVPQYRPRPANPDEIGNFI
DENLKAADSDPTAPPYDSLLVFDYEGSGSEAASLSSLNSSESDQDQDYDYLNEWGNRFKKLADMYGGGEDD
;
B,D
#
# COMPACT_ATOMS: atom_id res chain seq x y z
N VAL A 4 -48.81 22.28 -16.86
CA VAL A 4 -49.17 20.90 -16.47
C VAL A 4 -47.91 20.10 -16.15
N ASN A 5 -46.76 20.63 -16.56
CA ASN A 5 -45.47 19.98 -16.32
C ASN A 5 -44.88 20.42 -14.99
N LEU A 6 -45.25 21.62 -14.55
CA LEU A 6 -44.77 22.15 -13.28
C LEU A 6 -45.86 21.95 -12.24
N ILE A 7 -46.95 21.31 -12.67
CA ILE A 7 -48.09 21.03 -11.81
C ILE A 7 -48.10 19.55 -11.40
N ASN A 8 -47.56 18.70 -12.27
CA ASN A 8 -47.51 17.26 -12.00
C ASN A 8 -46.17 16.84 -11.39
N TYR A 9 -45.22 17.77 -11.34
CA TYR A 9 -43.90 17.49 -10.77
C TYR A 9 -44.02 17.36 -9.26
N GLN A 10 -44.37 18.47 -8.61
CA GLN A 10 -44.55 18.51 -7.17
C GLN A 10 -45.59 17.48 -6.73
N ASP A 11 -46.47 17.12 -7.68
CA ASP A 11 -47.53 16.15 -7.45
C ASP A 11 -46.90 14.76 -7.29
N ASP A 12 -46.30 14.27 -8.37
CA ASP A 12 -45.67 12.96 -8.37
C ASP A 12 -44.52 12.93 -7.36
N ALA A 13 -43.88 14.08 -7.16
CA ALA A 13 -42.78 14.20 -6.22
C ALA A 13 -43.32 13.94 -4.82
N GLU A 14 -44.31 14.74 -4.43
CA GLU A 14 -44.95 14.60 -3.13
C GLU A 14 -45.53 13.20 -3.02
N LEU A 15 -46.17 12.76 -4.11
CA LEU A 15 -46.77 11.43 -4.16
C LEU A 15 -45.67 10.40 -3.90
N ALA A 16 -44.45 10.75 -4.28
CA ALA A 16 -43.30 9.87 -4.09
C ALA A 16 -42.93 9.84 -2.62
N THR A 17 -42.85 11.02 -2.00
CA THR A 17 -42.51 11.14 -0.59
C THR A 17 -43.56 10.36 0.20
N ARG A 18 -44.65 10.03 -0.48
CA ARG A 18 -45.76 9.31 0.10
C ARG A 18 -45.55 7.79 0.05
N ALA A 19 -44.69 7.34 -0.85
CA ALA A 19 -44.44 5.91 -1.00
C ALA A 19 -43.00 5.53 -0.65
N ILE A 20 -42.11 6.52 -0.66
CA ILE A 20 -40.71 6.28 -0.35
C ILE A 20 -40.57 5.43 0.92
N PRO A 21 -41.02 5.97 2.07
CA PRO A 21 -40.94 5.27 3.35
C PRO A 21 -41.41 3.81 3.34
N GLU A 22 -42.51 3.53 2.67
CA GLU A 22 -43.03 2.17 2.59
C GLU A 22 -42.10 1.31 1.75
N LEU A 23 -41.79 1.79 0.55
CA LEU A 23 -40.89 1.07 -0.34
C LEU A 23 -39.64 0.67 0.45
N THR A 24 -39.10 1.62 1.20
CA THR A 24 -37.93 1.36 2.04
C THR A 24 -38.19 0.09 2.84
N LYS A 25 -39.09 0.18 3.82
CA LYS A 25 -39.46 -0.95 4.66
C LYS A 25 -39.60 -2.24 3.86
N LEU A 26 -40.06 -2.14 2.62
CA LEU A 26 -40.21 -3.35 1.82
C LEU A 26 -38.87 -3.95 1.44
N LEU A 27 -37.91 -3.09 1.09
CA LEU A 27 -36.57 -3.57 0.75
C LEU A 27 -35.95 -4.22 1.98
N ASN A 28 -36.37 -3.76 3.15
CA ASN A 28 -35.88 -4.29 4.42
C ASN A 28 -36.60 -5.60 4.77
N ASP A 29 -37.77 -5.81 4.18
CA ASP A 29 -38.55 -7.03 4.43
C ASP A 29 -37.66 -8.27 4.29
N GLU A 30 -37.96 -9.33 5.03
CA GLU A 30 -37.19 -10.56 4.97
C GLU A 30 -37.48 -11.41 3.75
N ASP A 31 -38.75 -11.45 3.34
CA ASP A 31 -39.15 -12.21 2.17
C ASP A 31 -38.35 -11.71 0.98
N GLN A 32 -37.41 -12.52 0.51
CA GLN A 32 -36.58 -12.14 -0.61
C GLN A 32 -37.41 -11.59 -1.78
N VAL A 33 -38.56 -12.21 -2.04
CA VAL A 33 -39.42 -11.80 -3.15
C VAL A 33 -40.05 -10.43 -2.96
N VAL A 34 -40.43 -10.11 -1.74
CA VAL A 34 -41.02 -8.81 -1.45
C VAL A 34 -39.99 -7.77 -1.87
N VAL A 35 -38.79 -7.90 -1.31
CA VAL A 35 -37.67 -7.00 -1.57
C VAL A 35 -37.44 -6.82 -3.06
N ASN A 36 -37.25 -7.93 -3.76
CA ASN A 36 -37.02 -7.90 -5.20
C ASN A 36 -38.05 -7.01 -5.89
N LYS A 37 -39.32 -7.31 -5.70
CA LYS A 37 -40.36 -6.50 -6.32
C LYS A 37 -40.17 -5.04 -5.95
N ALA A 38 -39.92 -4.78 -4.67
CA ALA A 38 -39.73 -3.41 -4.16
C ALA A 38 -38.60 -2.68 -4.88
N ALA A 39 -37.50 -3.38 -5.10
CA ALA A 39 -36.35 -2.80 -5.79
C ALA A 39 -36.79 -2.33 -7.17
N VAL A 40 -37.54 -3.21 -7.84
CA VAL A 40 -38.04 -2.93 -9.18
C VAL A 40 -38.84 -1.65 -9.17
N MET A 41 -39.69 -1.50 -8.17
CA MET A 41 -40.50 -0.31 -8.04
C MET A 41 -39.65 0.93 -7.84
N VAL A 42 -38.67 0.85 -6.94
CA VAL A 42 -37.79 1.98 -6.67
C VAL A 42 -37.00 2.33 -7.92
N HIS A 43 -36.61 1.30 -8.66
CA HIS A 43 -35.87 1.51 -9.89
C HIS A 43 -36.68 2.33 -10.87
N GLN A 44 -37.86 1.83 -11.23
CA GLN A 44 -38.73 2.51 -12.17
C GLN A 44 -39.00 3.94 -11.70
N LEU A 45 -39.03 4.12 -10.38
CA LEU A 45 -39.27 5.43 -9.78
C LEU A 45 -38.14 6.42 -10.00
N SER A 46 -36.91 5.92 -9.99
CA SER A 46 -35.74 6.78 -10.17
C SER A 46 -35.64 7.36 -11.58
N LYS A 47 -36.44 6.83 -12.50
CA LYS A 47 -36.47 7.31 -13.88
C LYS A 47 -37.14 8.68 -13.93
N LYS A 48 -38.19 8.83 -13.12
CA LYS A 48 -38.94 10.08 -13.04
C LYS A 48 -38.20 11.11 -12.19
N GLU A 49 -37.62 12.10 -12.84
CA GLU A 49 -36.88 13.15 -12.14
C GLU A 49 -37.54 13.55 -10.82
N ALA A 50 -38.87 13.50 -10.80
CA ALA A 50 -39.60 13.86 -9.60
C ALA A 50 -39.19 12.95 -8.45
N SER A 51 -39.49 11.65 -8.61
CA SER A 51 -39.18 10.64 -7.61
C SER A 51 -37.70 10.64 -7.28
N ARG A 52 -36.87 10.67 -8.32
CA ARG A 52 -35.42 10.65 -8.17
C ARG A 52 -34.93 11.59 -7.05
N HIS A 53 -35.59 12.73 -6.90
CA HIS A 53 -35.20 13.68 -5.87
C HIS A 53 -35.70 13.24 -4.50
N ALA A 54 -36.77 12.45 -4.49
CA ALA A 54 -37.33 11.94 -3.24
C ALA A 54 -36.40 10.88 -2.67
N ILE A 55 -35.91 10.00 -3.53
CA ILE A 55 -35.00 8.94 -3.10
C ILE A 55 -33.70 9.61 -2.72
N MET A 56 -33.24 10.48 -3.61
CA MET A 56 -31.99 11.21 -3.42
C MET A 56 -31.97 12.01 -2.11
N ARG A 57 -33.12 12.19 -1.48
CA ARG A 57 -33.16 12.95 -0.22
C ARG A 57 -33.50 12.07 0.97
N SER A 58 -33.75 10.79 0.72
CA SER A 58 -34.10 9.84 1.79
C SER A 58 -32.93 8.91 2.10
N PRO A 59 -32.01 9.34 2.96
CA PRO A 59 -30.82 8.58 3.37
C PRO A 59 -31.11 7.13 3.72
N GLN A 60 -32.29 6.89 4.27
CA GLN A 60 -32.67 5.55 4.68
C GLN A 60 -33.05 4.70 3.46
N MET A 61 -33.56 5.37 2.43
CA MET A 61 -33.94 4.70 1.19
C MET A 61 -32.65 4.30 0.48
N VAL A 62 -31.76 5.26 0.28
CA VAL A 62 -30.49 5.03 -0.37
C VAL A 62 -29.78 3.84 0.30
N SER A 63 -29.49 3.99 1.59
CA SER A 63 -28.83 2.97 2.39
C SER A 63 -29.47 1.61 2.20
N ALA A 64 -30.78 1.59 2.02
CA ALA A 64 -31.49 0.33 1.83
C ALA A 64 -31.32 -0.18 0.40
N ILE A 65 -31.11 0.75 -0.53
CA ILE A 65 -30.91 0.35 -1.91
C ILE A 65 -29.53 -0.25 -2.01
N VAL A 66 -28.54 0.48 -1.46
CA VAL A 66 -27.15 0.02 -1.46
C VAL A 66 -27.09 -1.38 -0.87
N ARG A 67 -27.61 -1.47 0.35
CA ARG A 67 -27.66 -2.72 1.10
C ARG A 67 -28.29 -3.81 0.24
N THR A 68 -29.40 -3.49 -0.40
CA THR A 68 -30.08 -4.46 -1.23
C THR A 68 -29.19 -4.93 -2.36
N MET A 69 -28.50 -3.98 -2.98
CA MET A 69 -27.63 -4.29 -4.09
C MET A 69 -26.52 -5.26 -3.76
N GLN A 70 -25.82 -5.01 -2.67
CA GLN A 70 -24.70 -5.86 -2.29
C GLN A 70 -25.07 -7.22 -1.71
N ASN A 71 -26.21 -7.28 -1.03
CA ASN A 71 -26.62 -8.53 -0.42
C ASN A 71 -27.51 -9.38 -1.33
N THR A 72 -28.15 -8.74 -2.31
CA THR A 72 -29.04 -9.43 -3.24
C THR A 72 -28.42 -10.54 -4.06
N ASN A 73 -29.26 -11.45 -4.56
CA ASN A 73 -28.84 -12.57 -5.40
C ASN A 73 -29.69 -12.62 -6.65
N ASP A 74 -30.60 -11.65 -6.78
CA ASP A 74 -31.47 -11.57 -7.93
C ASP A 74 -30.72 -10.77 -8.98
N VAL A 75 -30.46 -11.40 -10.11
CA VAL A 75 -29.76 -10.75 -11.20
C VAL A 75 -30.56 -9.48 -11.57
N GLU A 76 -31.87 -9.54 -11.32
CA GLU A 76 -32.75 -8.42 -11.62
C GLU A 76 -32.64 -7.36 -10.54
N THR A 77 -32.64 -7.79 -9.27
CA THR A 77 -32.53 -6.83 -8.18
C THR A 77 -31.19 -6.13 -8.31
N ALA A 78 -30.18 -6.91 -8.66
CA ALA A 78 -28.84 -6.39 -8.85
C ALA A 78 -28.92 -5.29 -9.91
N ARG A 79 -29.36 -5.68 -11.10
CA ARG A 79 -29.48 -4.71 -12.18
C ARG A 79 -30.31 -3.50 -11.77
N CYS A 80 -31.41 -3.73 -11.06
CA CYS A 80 -32.27 -2.64 -10.63
C CYS A 80 -31.61 -1.70 -9.64
N THR A 81 -31.22 -2.23 -8.49
CA THR A 81 -30.56 -1.43 -7.47
C THR A 81 -29.34 -0.71 -8.03
N ALA A 82 -28.61 -1.41 -8.91
CA ALA A 82 -27.42 -0.85 -9.53
C ALA A 82 -27.86 0.33 -10.37
N GLY A 83 -28.84 0.09 -11.24
CA GLY A 83 -29.36 1.15 -12.08
C GLY A 83 -29.82 2.31 -11.23
N THR A 84 -30.65 2.01 -10.24
CA THR A 84 -31.17 3.02 -9.35
C THR A 84 -30.03 3.94 -8.89
N LEU A 85 -28.94 3.38 -8.39
CA LEU A 85 -27.81 4.19 -7.93
C LEU A 85 -27.25 5.03 -9.07
N HIS A 86 -27.19 4.43 -10.26
CA HIS A 86 -26.70 5.12 -11.44
C HIS A 86 -27.58 6.34 -11.73
N ASN A 87 -28.86 6.08 -12.01
CA ASN A 87 -29.82 7.13 -12.30
C ASN A 87 -29.66 8.23 -11.26
N LEU A 88 -29.37 7.82 -10.03
CA LEU A 88 -29.19 8.76 -8.92
C LEU A 88 -27.87 9.53 -9.03
N SER A 89 -26.83 8.83 -9.47
CA SER A 89 -25.50 9.40 -9.60
C SER A 89 -25.36 10.59 -10.54
N HIS A 90 -26.46 11.00 -11.17
CA HIS A 90 -26.40 12.13 -12.09
C HIS A 90 -26.62 13.48 -11.41
N HIS A 91 -26.99 13.46 -10.13
CA HIS A 91 -27.19 14.70 -9.39
C HIS A 91 -26.20 14.71 -8.22
N ARG A 92 -25.73 15.91 -7.83
CA ARG A 92 -24.76 16.04 -6.75
C ARG A 92 -25.22 15.49 -5.41
N GLU A 93 -26.53 15.55 -5.15
CA GLU A 93 -27.09 15.04 -3.91
C GLU A 93 -27.05 13.52 -3.97
N GLY A 94 -27.22 12.98 -5.18
CA GLY A 94 -27.18 11.54 -5.37
C GLY A 94 -25.78 11.04 -5.09
N LEU A 95 -24.79 11.78 -5.57
CA LEU A 95 -23.40 11.41 -5.32
C LEU A 95 -23.16 11.40 -3.83
N LEU A 96 -23.39 12.55 -3.19
CA LEU A 96 -23.19 12.67 -1.75
C LEU A 96 -24.01 11.64 -0.98
N ALA A 97 -25.18 11.31 -1.50
CA ALA A 97 -26.01 10.33 -0.84
C ALA A 97 -25.30 8.98 -0.97
N ILE A 98 -25.18 8.50 -2.19
CA ILE A 98 -24.51 7.23 -2.45
C ILE A 98 -23.21 7.13 -1.67
N PHE A 99 -22.51 8.26 -1.54
CA PHE A 99 -21.25 8.30 -0.82
C PHE A 99 -21.43 8.05 0.67
N LYS A 100 -22.15 8.95 1.33
CA LYS A 100 -22.39 8.86 2.77
C LYS A 100 -23.00 7.55 3.24
N SER A 101 -23.70 6.85 2.36
CA SER A 101 -24.33 5.60 2.75
C SER A 101 -23.55 4.34 2.39
N GLY A 102 -22.23 4.50 2.22
CA GLY A 102 -21.38 3.37 1.90
C GLY A 102 -21.66 2.68 0.58
N GLY A 103 -21.96 3.46 -0.45
CA GLY A 103 -22.26 2.88 -1.75
C GLY A 103 -21.02 2.48 -2.55
N ILE A 104 -19.93 3.22 -2.38
CA ILE A 104 -18.70 2.92 -3.12
C ILE A 104 -18.27 1.46 -2.94
N PRO A 105 -18.11 1.01 -1.68
CA PRO A 105 -17.70 -0.38 -1.47
C PRO A 105 -18.68 -1.33 -2.13
N ALA A 106 -19.97 -1.07 -2.01
CA ALA A 106 -20.96 -1.94 -2.63
C ALA A 106 -20.74 -1.91 -4.15
N LEU A 107 -20.66 -0.71 -4.71
CA LEU A 107 -20.43 -0.57 -6.14
C LEU A 107 -19.20 -1.37 -6.53
N VAL A 108 -18.10 -1.14 -5.81
CA VAL A 108 -16.87 -1.88 -6.08
C VAL A 108 -17.11 -3.39 -6.10
N LYS A 109 -17.79 -3.91 -5.10
CA LYS A 109 -18.06 -5.35 -5.06
C LYS A 109 -18.76 -5.78 -6.35
N MET A 110 -19.68 -4.93 -6.80
CA MET A 110 -20.43 -5.19 -8.00
C MET A 110 -19.55 -5.31 -9.22
N LEU A 111 -18.37 -4.68 -9.20
CA LEU A 111 -17.47 -4.77 -10.35
C LEU A 111 -17.02 -6.20 -10.54
N GLY A 112 -17.48 -7.07 -9.66
CA GLY A 112 -17.13 -8.47 -9.76
C GLY A 112 -18.28 -9.27 -10.32
N SER A 113 -19.32 -8.57 -10.78
CA SER A 113 -20.48 -9.25 -11.32
C SER A 113 -20.29 -9.81 -12.70
N PRO A 114 -20.99 -10.90 -13.00
CA PRO A 114 -20.91 -11.56 -14.31
C PRO A 114 -22.01 -10.95 -15.18
N VAL A 115 -22.88 -10.16 -14.56
CA VAL A 115 -23.99 -9.49 -15.23
C VAL A 115 -23.53 -8.18 -15.88
N ASP A 116 -23.34 -8.21 -17.18
CA ASP A 116 -22.87 -7.02 -17.89
C ASP A 116 -23.62 -5.76 -17.53
N SER A 117 -24.95 -5.79 -17.60
CA SER A 117 -25.72 -4.61 -17.25
C SER A 117 -25.24 -4.04 -15.92
N VAL A 118 -25.11 -4.91 -14.92
CA VAL A 118 -24.67 -4.50 -13.60
C VAL A 118 -23.30 -3.82 -13.66
N LEU A 119 -22.35 -4.49 -14.31
CA LEU A 119 -21.00 -3.97 -14.45
C LEU A 119 -21.05 -2.57 -15.02
N PHE A 120 -21.76 -2.42 -16.14
CA PHE A 120 -21.84 -1.13 -16.78
C PHE A 120 -22.32 -0.06 -15.80
N TYR A 121 -23.39 -0.36 -15.06
CA TYR A 121 -23.93 0.59 -14.09
C TYR A 121 -22.92 0.92 -13.02
N ALA A 122 -22.41 -0.13 -12.38
CA ALA A 122 -21.44 0.00 -11.32
C ALA A 122 -20.26 0.88 -11.73
N ILE A 123 -19.58 0.51 -12.81
CA ILE A 123 -18.43 1.27 -13.22
C ILE A 123 -18.80 2.72 -13.56
N THR A 124 -19.99 2.92 -14.14
CA THR A 124 -20.39 4.27 -14.49
C THR A 124 -20.72 5.11 -13.26
N THR A 125 -21.38 4.50 -12.28
CA THR A 125 -21.71 5.21 -11.06
C THR A 125 -20.39 5.67 -10.45
N LEU A 126 -19.51 4.71 -10.22
CA LEU A 126 -18.20 4.98 -9.65
C LEU A 126 -17.49 6.08 -10.41
N HIS A 127 -17.52 6.01 -11.73
CA HIS A 127 -16.86 7.02 -12.55
C HIS A 127 -17.35 8.41 -12.15
N ASN A 128 -18.66 8.60 -12.16
CA ASN A 128 -19.27 9.89 -11.80
C ASN A 128 -18.78 10.29 -10.42
N LEU A 129 -18.74 9.33 -9.52
CA LEU A 129 -18.29 9.57 -8.16
C LEU A 129 -16.85 10.06 -8.14
N LEU A 130 -16.00 9.42 -8.93
CA LEU A 130 -14.60 9.78 -8.99
C LEU A 130 -14.46 11.20 -9.49
N LEU A 131 -15.19 11.51 -10.56
CA LEU A 131 -15.15 12.84 -11.17
C LEU A 131 -15.76 13.94 -10.33
N HIS A 132 -16.85 13.64 -9.61
CA HIS A 132 -17.50 14.69 -8.84
C HIS A 132 -17.64 14.60 -7.33
N GLN A 133 -17.47 13.42 -6.73
CA GLN A 133 -17.63 13.33 -5.29
C GLN A 133 -16.33 13.43 -4.49
N GLU A 134 -16.23 14.49 -3.71
CA GLU A 134 -15.06 14.71 -2.87
C GLU A 134 -14.85 13.54 -1.90
N GLY A 135 -13.69 12.89 -1.99
CA GLY A 135 -13.40 11.76 -1.12
C GLY A 135 -13.64 10.41 -1.77
N ALA A 136 -14.25 10.41 -2.95
CA ALA A 136 -14.55 9.18 -3.68
C ALA A 136 -13.29 8.40 -4.08
N LYS A 137 -12.25 9.10 -4.49
CA LYS A 137 -11.03 8.42 -4.91
C LYS A 137 -10.45 7.55 -3.82
N MET A 138 -10.08 8.17 -2.70
CA MET A 138 -9.49 7.39 -1.62
C MET A 138 -10.43 6.27 -1.16
N ALA A 139 -11.72 6.49 -1.26
CA ALA A 139 -12.70 5.49 -0.84
C ALA A 139 -12.62 4.29 -1.76
N VAL A 140 -12.51 4.56 -3.05
CA VAL A 140 -12.42 3.51 -4.04
C VAL A 140 -11.12 2.73 -3.91
N ARG A 141 -10.07 3.41 -3.47
CA ARG A 141 -8.78 2.76 -3.29
C ARG A 141 -8.89 1.80 -2.13
N LEU A 142 -9.52 2.25 -1.04
CA LEU A 142 -9.67 1.41 0.13
C LEU A 142 -10.53 0.19 -0.11
N ALA A 143 -11.58 0.35 -0.92
CA ALA A 143 -12.49 -0.74 -1.21
C ALA A 143 -11.84 -1.84 -2.05
N GLY A 144 -10.70 -1.52 -2.64
CA GLY A 144 -10.01 -2.49 -3.48
C GLY A 144 -10.42 -2.45 -4.94
N GLY A 145 -10.94 -1.30 -5.38
CA GLY A 145 -11.40 -1.16 -6.76
C GLY A 145 -10.42 -1.34 -7.90
N LEU A 146 -9.18 -0.89 -7.71
CA LEU A 146 -8.18 -1.00 -8.77
C LEU A 146 -8.03 -2.39 -9.35
N GLN A 147 -7.91 -3.38 -8.49
CA GLN A 147 -7.76 -4.74 -8.99
C GLN A 147 -8.96 -5.15 -9.82
N LYS A 148 -10.15 -4.90 -9.28
CA LYS A 148 -11.35 -5.26 -9.99
C LYS A 148 -11.46 -4.50 -11.30
N MET A 149 -10.94 -3.27 -11.34
CA MET A 149 -10.99 -2.49 -12.56
C MET A 149 -10.02 -2.98 -13.62
N VAL A 150 -8.80 -3.30 -13.22
CA VAL A 150 -7.84 -3.78 -14.21
C VAL A 150 -8.36 -5.09 -14.77
N ALA A 151 -9.01 -5.87 -13.92
CA ALA A 151 -9.55 -7.15 -14.31
C ALA A 151 -10.63 -6.97 -15.36
N LEU A 152 -11.30 -5.84 -15.34
CA LEU A 152 -12.34 -5.57 -16.31
C LEU A 152 -11.78 -5.21 -17.69
N LEU A 153 -10.50 -4.85 -17.76
CA LEU A 153 -9.88 -4.50 -19.04
C LEU A 153 -9.95 -5.71 -19.98
N ASN A 154 -10.38 -6.82 -19.42
CA ASN A 154 -10.55 -8.07 -20.14
C ASN A 154 -11.78 -8.00 -21.06
N LYS A 155 -12.67 -7.04 -20.79
CA LYS A 155 -13.89 -6.87 -21.58
C LYS A 155 -13.64 -6.44 -23.01
N THR A 156 -14.73 -6.33 -23.78
CA THR A 156 -14.62 -5.96 -25.18
C THR A 156 -15.49 -4.80 -25.64
N ASN A 157 -16.31 -4.24 -24.76
CA ASN A 157 -17.16 -3.10 -25.13
C ASN A 157 -16.36 -1.80 -24.99
N VAL A 158 -15.92 -1.29 -26.13
CA VAL A 158 -15.12 -0.07 -26.17
C VAL A 158 -15.59 1.02 -25.21
N LYS A 159 -16.87 1.36 -25.28
CA LYS A 159 -17.39 2.41 -24.41
C LYS A 159 -17.24 2.09 -22.93
N PHE A 160 -17.31 0.80 -22.58
CA PHE A 160 -17.12 0.35 -21.19
C PHE A 160 -15.66 0.58 -20.82
N LEU A 161 -14.77 0.00 -21.64
CA LEU A 161 -13.33 0.12 -21.47
C LEU A 161 -12.93 1.58 -21.35
N ALA A 162 -13.57 2.42 -22.15
CA ALA A 162 -13.28 3.83 -22.11
C ALA A 162 -13.42 4.32 -20.68
N ILE A 163 -14.63 4.17 -20.13
CA ILE A 163 -14.91 4.60 -18.78
C ILE A 163 -13.86 4.02 -17.83
N THR A 164 -13.80 2.69 -17.81
CA THR A 164 -12.88 1.95 -16.95
C THR A 164 -11.46 2.52 -16.95
N THR A 165 -10.83 2.59 -18.11
CA THR A 165 -9.47 3.13 -18.16
C THR A 165 -9.40 4.52 -17.55
N ASP A 166 -10.39 5.36 -17.83
CA ASP A 166 -10.43 6.72 -17.29
C ASP A 166 -10.55 6.67 -15.74
N CYS A 167 -11.24 5.66 -15.22
CA CYS A 167 -11.33 5.52 -13.78
C CYS A 167 -9.93 5.19 -13.36
N LEU A 168 -9.34 4.18 -14.01
CA LEU A 168 -7.96 3.77 -13.72
C LEU A 168 -7.04 4.97 -13.74
N GLN A 169 -7.18 5.80 -14.77
CA GLN A 169 -6.37 7.00 -14.89
C GLN A 169 -6.59 7.96 -13.71
N ILE A 170 -7.86 8.25 -13.40
CA ILE A 170 -8.20 9.16 -12.31
C ILE A 170 -7.61 8.74 -10.97
N LEU A 171 -7.63 7.44 -10.71
CA LEU A 171 -7.12 6.88 -9.46
C LEU A 171 -5.61 6.75 -9.45
N ALA A 172 -5.01 6.62 -10.63
CA ALA A 172 -3.57 6.47 -10.73
C ALA A 172 -2.81 7.78 -10.69
N TYR A 173 -3.36 8.84 -11.27
CA TYR A 173 -2.65 10.11 -11.29
C TYR A 173 -2.06 10.47 -9.92
N GLY A 174 -0.75 10.69 -9.88
CA GLY A 174 -0.08 11.05 -8.64
C GLY A 174 -0.20 10.12 -7.43
N ASN A 175 -0.64 8.88 -7.63
CA ASN A 175 -0.77 7.95 -6.50
C ASN A 175 0.07 6.71 -6.70
N GLN A 176 1.09 6.55 -5.87
CA GLN A 176 1.99 5.40 -6.00
C GLN A 176 1.35 4.06 -5.70
N GLU A 177 0.74 3.92 -4.53
CA GLU A 177 0.12 2.66 -4.16
C GLU A 177 -0.77 2.18 -5.31
N SER A 178 -1.53 3.11 -5.89
CA SER A 178 -2.41 2.76 -7.00
C SER A 178 -1.62 2.29 -8.21
N LYS A 179 -0.67 3.12 -8.65
CA LYS A 179 0.16 2.76 -9.79
C LYS A 179 0.72 1.37 -9.57
N LEU A 180 1.18 1.12 -8.34
CA LEU A 180 1.73 -0.19 -8.02
C LEU A 180 0.70 -1.27 -8.15
N ILE A 181 -0.44 -1.09 -7.51
CA ILE A 181 -1.49 -2.11 -7.58
C ILE A 181 -1.88 -2.40 -9.03
N ILE A 182 -1.99 -1.36 -9.86
CA ILE A 182 -2.33 -1.53 -11.26
C ILE A 182 -1.29 -2.46 -11.88
N LEU A 183 -0.03 -2.20 -11.54
CA LEU A 183 1.10 -2.97 -12.02
C LEU A 183 1.01 -4.40 -11.55
N ALA A 184 0.81 -4.56 -10.26
CA ALA A 184 0.70 -5.88 -9.66
C ALA A 184 -0.42 -6.68 -10.29
N SER A 185 -1.45 -6.00 -10.76
CA SER A 185 -2.57 -6.70 -11.35
C SER A 185 -2.47 -6.89 -12.85
N GLY A 186 -1.28 -6.69 -13.40
CA GLY A 186 -1.08 -6.87 -14.83
C GLY A 186 -1.67 -5.80 -15.71
N GLY A 187 -1.72 -4.57 -15.18
CA GLY A 187 -2.26 -3.46 -15.94
C GLY A 187 -1.53 -3.20 -17.24
N PRO A 188 -0.20 -3.08 -17.21
CA PRO A 188 0.59 -2.83 -18.41
C PRO A 188 0.19 -3.71 -19.57
N GLN A 189 0.16 -5.02 -19.31
CA GLN A 189 -0.19 -5.97 -20.36
C GLN A 189 -1.60 -5.74 -20.88
N ALA A 190 -2.51 -5.40 -19.99
CA ALA A 190 -3.88 -5.17 -20.42
C ALA A 190 -3.95 -3.90 -21.22
N LEU A 191 -3.38 -2.82 -20.68
CA LEU A 191 -3.40 -1.55 -21.34
C LEU A 191 -2.76 -1.64 -22.74
N VAL A 192 -1.56 -2.23 -22.80
CA VAL A 192 -0.90 -2.38 -24.08
C VAL A 192 -1.84 -3.07 -25.06
N ASN A 193 -2.34 -4.24 -24.67
CA ASN A 193 -3.23 -4.99 -25.54
C ASN A 193 -4.31 -4.09 -26.11
N ILE A 194 -4.91 -3.25 -25.29
CA ILE A 194 -5.94 -2.37 -25.80
C ILE A 194 -5.33 -1.55 -26.94
N MET A 195 -4.23 -0.87 -26.63
CA MET A 195 -3.55 -0.04 -27.61
C MET A 195 -3.31 -0.73 -28.95
N ARG A 196 -3.03 -2.03 -28.94
CA ARG A 196 -2.78 -2.70 -30.21
C ARG A 196 -3.98 -3.38 -30.84
N THR A 197 -5.13 -3.33 -30.15
CA THR A 197 -6.34 -3.99 -30.65
C THR A 197 -7.51 -3.12 -31.11
N TYR A 198 -7.92 -2.17 -30.27
CA TYR A 198 -9.06 -1.35 -30.63
C TYR A 198 -8.74 -0.11 -31.43
N THR A 199 -9.77 0.51 -32.01
CA THR A 199 -9.60 1.70 -32.83
C THR A 199 -10.51 2.86 -32.42
N TYR A 200 -11.16 2.75 -31.27
CA TYR A 200 -12.05 3.80 -30.77
C TYR A 200 -11.26 4.92 -30.12
N GLU A 201 -11.02 5.98 -30.89
CA GLU A 201 -10.25 7.13 -30.44
C GLU A 201 -10.29 7.36 -28.94
N LYS A 202 -11.47 7.73 -28.43
CA LYS A 202 -11.64 8.01 -27.01
C LYS A 202 -10.96 6.96 -26.13
N LEU A 203 -11.18 5.69 -26.42
CA LEU A 203 -10.57 4.62 -25.65
C LEU A 203 -9.04 4.67 -25.73
N LEU A 204 -8.52 4.68 -26.96
CA LEU A 204 -7.08 4.75 -27.19
C LEU A 204 -6.43 5.92 -26.47
N TRP A 205 -7.07 7.09 -26.55
CA TRP A 205 -6.53 8.27 -25.90
C TRP A 205 -6.47 8.04 -24.40
N THR A 206 -7.61 7.64 -23.83
CA THR A 206 -7.70 7.38 -22.39
C THR A 206 -6.66 6.34 -21.95
N THR A 207 -6.59 5.23 -22.66
CA THR A 207 -5.63 4.20 -22.30
C THR A 207 -4.20 4.76 -22.29
N SER A 208 -3.88 5.61 -23.27
CA SER A 208 -2.54 6.20 -23.34
C SER A 208 -2.33 7.15 -22.15
N ARG A 209 -3.39 7.81 -21.71
CA ARG A 209 -3.25 8.70 -20.57
C ARG A 209 -2.93 7.88 -19.33
N VAL A 210 -3.43 6.65 -19.27
CA VAL A 210 -3.15 5.78 -18.13
C VAL A 210 -1.69 5.41 -18.24
N LEU A 211 -1.31 4.89 -19.39
CA LEU A 211 0.07 4.50 -19.60
C LEU A 211 1.01 5.66 -19.28
N LYS A 212 0.69 6.86 -19.76
CA LYS A 212 1.52 8.02 -19.48
C LYS A 212 1.69 8.16 -17.97
N VAL A 213 0.59 8.07 -17.24
CA VAL A 213 0.67 8.22 -15.79
C VAL A 213 1.52 7.14 -15.14
N LEU A 214 1.45 5.93 -15.67
CA LEU A 214 2.22 4.83 -15.13
C LEU A 214 3.69 4.94 -15.51
N SER A 215 3.96 5.49 -16.68
CA SER A 215 5.32 5.60 -17.17
C SER A 215 6.29 6.40 -16.31
N VAL A 216 5.79 7.20 -15.38
CA VAL A 216 6.69 7.95 -14.54
C VAL A 216 7.12 7.11 -13.33
N CYS A 217 6.46 5.97 -13.15
CA CYS A 217 6.73 5.04 -12.05
C CYS A 217 7.96 4.18 -12.38
N SER A 218 8.86 4.06 -11.41
CA SER A 218 10.09 3.29 -11.59
C SER A 218 9.80 1.81 -11.79
N SER A 219 8.70 1.33 -11.24
CA SER A 219 8.35 -0.07 -11.37
C SER A 219 7.50 -0.41 -12.57
N ASN A 220 6.68 0.54 -13.04
CA ASN A 220 5.86 0.24 -14.19
C ASN A 220 6.65 0.41 -15.46
N LYS A 221 7.57 1.38 -15.43
CA LYS A 221 8.40 1.68 -16.59
C LYS A 221 8.89 0.39 -17.29
N PRO A 222 9.79 -0.37 -16.64
CA PRO A 222 10.28 -1.60 -17.26
C PRO A 222 9.14 -2.52 -17.68
N ALA A 223 8.16 -2.68 -16.80
CA ALA A 223 7.03 -3.55 -17.09
C ALA A 223 6.36 -3.21 -18.43
N ILE A 224 6.02 -1.93 -18.60
CA ILE A 224 5.36 -1.47 -19.82
C ILE A 224 6.22 -1.74 -21.02
N VAL A 225 7.53 -1.54 -20.88
CA VAL A 225 8.48 -1.78 -21.97
C VAL A 225 8.41 -3.26 -22.30
N GLU A 226 8.70 -4.09 -21.31
CA GLU A 226 8.68 -5.55 -21.44
C GLU A 226 7.33 -6.05 -21.97
N ALA A 227 6.27 -5.30 -21.74
CA ALA A 227 4.96 -5.71 -22.22
C ALA A 227 4.79 -5.36 -23.69
N GLY A 228 5.84 -4.78 -24.28
CA GLY A 228 5.81 -4.39 -25.67
C GLY A 228 5.24 -2.99 -25.86
N GLY A 229 5.26 -2.22 -24.78
CA GLY A 229 4.71 -0.87 -24.79
C GLY A 229 5.29 0.10 -25.81
N MET A 230 6.60 0.05 -26.00
CA MET A 230 7.22 0.96 -26.95
C MET A 230 6.57 0.84 -28.32
N GLN A 231 6.53 -0.39 -28.84
CA GLN A 231 5.97 -0.67 -30.17
C GLN A 231 4.48 -0.43 -30.30
N ALA A 232 3.72 -0.87 -29.30
CA ALA A 232 2.29 -0.68 -29.30
C ALA A 232 2.05 0.80 -29.42
N LEU A 233 2.66 1.56 -28.51
CA LEU A 233 2.52 3.01 -28.51
C LEU A 233 2.93 3.60 -29.85
N GLY A 234 3.98 3.04 -30.44
CA GLY A 234 4.45 3.51 -31.72
C GLY A 234 3.36 3.49 -32.79
N LEU A 235 2.59 2.41 -32.82
CA LEU A 235 1.51 2.23 -33.79
C LEU A 235 0.61 3.44 -34.02
N HIS A 236 0.61 4.41 -33.11
CA HIS A 236 -0.28 5.55 -33.26
C HIS A 236 0.35 6.91 -33.52
N LEU A 237 1.65 6.95 -33.76
CA LEU A 237 2.29 8.25 -33.99
C LEU A 237 1.80 8.97 -35.24
N THR A 238 0.96 8.30 -36.03
CA THR A 238 0.46 8.92 -37.25
C THR A 238 -1.02 9.26 -37.18
N ASP A 239 -1.71 8.75 -36.15
CA ASP A 239 -3.15 9.01 -36.03
C ASP A 239 -3.48 10.50 -36.14
N PRO A 240 -4.69 10.80 -36.68
CA PRO A 240 -5.17 12.17 -36.84
C PRO A 240 -5.36 12.89 -35.52
N SER A 241 -5.72 12.14 -34.48
CA SER A 241 -5.94 12.72 -33.16
C SER A 241 -4.63 13.22 -32.62
N GLN A 242 -4.46 14.53 -32.63
CA GLN A 242 -3.22 15.05 -32.13
C GLN A 242 -3.06 14.72 -30.66
N ARG A 243 -4.17 14.65 -29.93
CA ARG A 243 -4.08 14.33 -28.52
C ARG A 243 -3.60 12.90 -28.26
N LEU A 244 -3.97 11.98 -29.15
CA LEU A 244 -3.54 10.59 -28.99
C LEU A 244 -2.05 10.57 -29.22
N VAL A 245 -1.64 11.16 -30.34
CA VAL A 245 -0.23 11.20 -30.70
C VAL A 245 0.66 11.80 -29.62
N GLN A 246 0.29 12.98 -29.14
CA GLN A 246 1.11 13.64 -28.14
C GLN A 246 1.23 12.85 -26.85
N ASN A 247 0.20 12.11 -26.48
CA ASN A 247 0.26 11.35 -25.25
C ASN A 247 1.16 10.15 -25.40
N CYS A 248 1.17 9.57 -26.60
CA CYS A 248 2.04 8.43 -26.83
C CYS A 248 3.46 8.96 -26.82
N LEU A 249 3.70 10.08 -27.48
CA LEU A 249 5.05 10.65 -27.52
C LEU A 249 5.58 10.92 -26.12
N TRP A 250 4.73 11.51 -25.27
CA TRP A 250 5.13 11.79 -23.91
C TRP A 250 5.44 10.48 -23.20
N THR A 251 4.50 9.53 -23.27
CA THR A 251 4.67 8.22 -22.63
C THR A 251 5.91 7.54 -23.15
N LEU A 252 6.09 7.60 -24.46
CA LEU A 252 7.25 7.00 -25.11
C LEU A 252 8.54 7.60 -24.57
N ARG A 253 8.55 8.90 -24.34
CA ARG A 253 9.75 9.53 -23.82
C ARG A 253 10.02 9.13 -22.39
N ASN A 254 8.99 9.01 -21.57
CA ASN A 254 9.25 8.60 -20.19
C ASN A 254 9.80 7.18 -20.13
N LEU A 255 9.31 6.33 -21.02
CA LEU A 255 9.75 4.94 -21.04
C LEU A 255 11.15 4.78 -21.66
N SER A 256 11.50 5.69 -22.56
CA SER A 256 12.76 5.65 -23.29
C SER A 256 14.05 5.20 -22.58
N ASP A 257 14.31 5.67 -21.37
CA ASP A 257 15.54 5.27 -20.68
C ASP A 257 15.54 3.80 -20.32
N ALA A 258 14.36 3.23 -20.13
CA ALA A 258 14.26 1.83 -19.76
C ALA A 258 14.15 0.92 -20.97
N ALA A 259 14.20 1.50 -22.17
CA ALA A 259 14.04 0.71 -23.39
C ALA A 259 15.27 0.62 -24.26
N THR A 260 16.45 0.74 -23.66
CA THR A 260 17.67 0.69 -24.45
C THR A 260 18.07 -0.70 -24.92
N LYS A 261 17.57 -1.73 -24.26
CA LYS A 261 17.92 -3.08 -24.66
C LYS A 261 16.80 -3.75 -25.45
N GLN A 262 15.77 -2.98 -25.77
CA GLN A 262 14.63 -3.46 -26.52
C GLN A 262 15.00 -3.78 -27.97
N GLU A 263 14.46 -4.87 -28.49
CA GLU A 263 14.74 -5.26 -29.87
C GLU A 263 13.51 -4.91 -30.71
N GLY A 264 13.63 -5.03 -32.03
CA GLY A 264 12.53 -4.73 -32.93
C GLY A 264 11.97 -3.32 -32.74
N MET A 265 12.78 -2.32 -33.06
CA MET A 265 12.36 -0.93 -32.90
C MET A 265 12.42 -0.14 -34.20
N GLU A 266 12.81 -0.81 -35.29
CA GLU A 266 12.95 -0.17 -36.60
C GLU A 266 11.81 0.80 -36.89
N GLY A 267 10.59 0.28 -36.99
CA GLY A 267 9.45 1.13 -37.26
C GLY A 267 9.43 2.36 -36.37
N LEU A 268 9.42 2.14 -35.06
CA LEU A 268 9.40 3.24 -34.12
C LEU A 268 10.53 4.21 -34.44
N LEU A 269 11.76 3.71 -34.40
CA LEU A 269 12.93 4.52 -34.70
C LEU A 269 12.71 5.26 -36.00
N GLY A 270 12.03 4.60 -36.93
CA GLY A 270 11.77 5.21 -38.21
C GLY A 270 10.81 6.37 -38.10
N THR A 271 9.65 6.15 -37.48
CA THR A 271 8.64 7.18 -37.32
C THR A 271 9.21 8.38 -36.59
N LEU A 272 9.89 8.11 -35.48
CA LEU A 272 10.51 9.17 -34.71
C LEU A 272 11.35 10.09 -35.60
N VAL A 273 12.22 9.50 -36.42
CA VAL A 273 13.04 10.31 -37.29
C VAL A 273 12.15 11.20 -38.13
N GLN A 274 11.09 10.64 -38.71
CA GLN A 274 10.18 11.44 -39.51
C GLN A 274 9.65 12.60 -38.70
N LEU A 275 9.06 12.29 -37.54
CA LEU A 275 8.49 13.30 -36.67
C LEU A 275 9.42 14.47 -36.36
N LEU A 276 10.73 14.26 -36.48
CA LEU A 276 11.68 15.34 -36.22
C LEU A 276 11.38 16.49 -37.16
N GLY A 277 10.63 16.22 -38.22
CA GLY A 277 10.32 17.25 -39.17
C GLY A 277 8.96 17.90 -38.96
N SER A 278 8.37 17.69 -37.79
CA SER A 278 7.07 18.26 -37.49
C SER A 278 7.16 19.77 -37.34
N ASP A 279 5.99 20.40 -37.29
CA ASP A 279 5.89 21.85 -37.12
C ASP A 279 5.63 22.06 -35.63
N ASP A 280 5.01 21.05 -35.02
CA ASP A 280 4.71 21.10 -33.60
C ASP A 280 6.00 20.90 -32.76
N ILE A 281 6.32 21.92 -31.97
CA ILE A 281 7.52 21.89 -31.15
C ILE A 281 7.47 20.76 -30.13
N ASN A 282 6.30 20.54 -29.54
CA ASN A 282 6.16 19.47 -28.55
C ASN A 282 6.47 18.13 -29.21
N VAL A 283 5.95 17.94 -30.41
CA VAL A 283 6.20 16.70 -31.12
C VAL A 283 7.69 16.55 -31.38
N VAL A 284 8.28 17.52 -32.08
CA VAL A 284 9.71 17.45 -32.37
C VAL A 284 10.51 17.20 -31.10
N THR A 285 10.27 18.00 -30.06
CA THR A 285 10.99 17.85 -28.81
C THR A 285 10.98 16.39 -28.34
N CYS A 286 9.78 15.86 -28.11
CA CYS A 286 9.64 14.48 -27.66
C CYS A 286 10.38 13.52 -28.56
N ALA A 287 10.24 13.73 -29.86
CA ALA A 287 10.90 12.86 -30.82
C ALA A 287 12.41 12.91 -30.59
N ALA A 288 12.94 14.11 -30.46
CA ALA A 288 14.36 14.29 -30.26
C ALA A 288 14.77 13.63 -28.96
N GLY A 289 13.96 13.82 -27.94
CA GLY A 289 14.26 13.22 -26.65
C GLY A 289 14.30 11.71 -26.74
N ILE A 290 13.26 11.13 -27.32
CA ILE A 290 13.19 9.68 -27.45
C ILE A 290 14.42 9.16 -28.21
N LEU A 291 14.68 9.72 -29.39
CA LEU A 291 15.82 9.30 -30.20
C LEU A 291 17.10 9.39 -29.41
N SER A 292 17.22 10.43 -28.60
CA SER A 292 18.41 10.59 -27.79
C SER A 292 18.62 9.32 -26.96
N ASN A 293 17.67 9.03 -26.06
CA ASN A 293 17.81 7.84 -25.23
C ASN A 293 17.92 6.53 -25.99
N LEU A 294 17.04 6.32 -26.97
CA LEU A 294 17.06 5.09 -27.73
C LEU A 294 18.37 4.80 -28.44
N THR A 295 19.17 5.83 -28.68
CA THR A 295 20.45 5.61 -29.33
C THR A 295 21.57 5.59 -28.31
N CYS A 296 21.26 5.28 -27.05
CA CYS A 296 22.29 5.24 -26.02
C CYS A 296 22.82 3.83 -25.76
N ASN A 297 24.04 3.59 -26.23
CA ASN A 297 24.69 2.30 -26.08
C ASN A 297 24.01 1.11 -26.74
N ASN A 298 23.13 1.39 -27.71
CA ASN A 298 22.48 0.33 -28.45
C ASN A 298 22.95 0.47 -29.91
N TYR A 299 23.94 -0.34 -30.29
CA TYR A 299 24.46 -0.23 -31.64
C TYR A 299 23.47 -0.56 -32.74
N LYS A 300 22.61 -1.55 -32.52
CA LYS A 300 21.66 -1.88 -33.57
C LYS A 300 20.75 -0.68 -33.81
N ASN A 301 20.37 0.02 -32.75
CA ASN A 301 19.53 1.19 -32.90
C ASN A 301 20.24 2.29 -33.69
N LYS A 302 21.49 2.56 -33.31
CA LYS A 302 22.29 3.58 -33.98
C LYS A 302 22.32 3.30 -35.47
N MET A 303 22.77 2.10 -35.81
CA MET A 303 22.85 1.70 -37.21
C MET A 303 21.55 1.93 -37.96
N MET A 304 20.44 1.54 -37.34
CA MET A 304 19.15 1.70 -37.98
C MET A 304 18.81 3.17 -38.20
N VAL A 305 18.99 3.99 -37.18
CA VAL A 305 18.68 5.41 -37.35
C VAL A 305 19.49 6.03 -38.50
N CYS A 306 20.80 5.81 -38.52
CA CYS A 306 21.63 6.38 -39.59
C CYS A 306 21.09 5.95 -40.94
N GLN A 307 20.60 4.72 -41.01
CA GLN A 307 20.08 4.18 -42.26
C GLN A 307 18.68 4.64 -42.67
N VAL A 308 17.99 5.36 -41.79
CA VAL A 308 16.66 5.87 -42.12
C VAL A 308 16.62 7.40 -42.19
N GLY A 309 17.77 8.01 -42.48
CA GLY A 309 17.87 9.45 -42.61
C GLY A 309 17.97 10.23 -41.32
N GLY A 310 18.40 9.57 -40.25
CA GLY A 310 18.51 10.25 -38.97
C GLY A 310 19.47 11.42 -38.86
N ILE A 311 20.70 11.23 -39.33
CA ILE A 311 21.69 12.29 -39.27
C ILE A 311 21.14 13.55 -39.91
N GLU A 312 20.68 13.43 -41.15
CA GLU A 312 20.12 14.60 -41.82
C GLU A 312 18.97 15.21 -41.02
N ALA A 313 18.06 14.36 -40.58
CA ALA A 313 16.92 14.85 -39.81
C ALA A 313 17.38 15.58 -38.57
N LEU A 314 18.23 14.95 -37.79
CA LEU A 314 18.73 15.57 -36.56
C LEU A 314 19.43 16.88 -36.89
N VAL A 315 20.27 16.88 -37.93
CA VAL A 315 20.97 18.09 -38.31
C VAL A 315 19.94 19.18 -38.61
N ARG A 316 19.00 18.89 -39.50
CA ARG A 316 17.97 19.88 -39.83
C ARG A 316 17.24 20.36 -38.59
N THR A 317 16.93 19.48 -37.65
CA THR A 317 16.24 19.91 -36.44
C THR A 317 17.08 20.92 -35.68
N VAL A 318 18.33 20.56 -35.40
CA VAL A 318 19.26 21.42 -34.66
C VAL A 318 19.33 22.77 -35.34
N LEU A 319 19.29 22.74 -36.67
CA LEU A 319 19.34 23.97 -37.45
C LEU A 319 18.11 24.83 -37.18
N ARG A 320 16.94 24.24 -37.41
CA ARG A 320 15.68 24.93 -37.21
C ARG A 320 15.41 25.34 -35.75
N ALA A 321 15.98 24.60 -34.79
CA ALA A 321 15.73 24.90 -33.38
C ALA A 321 16.39 26.16 -32.82
N GLY A 322 17.44 26.62 -33.49
CA GLY A 322 18.13 27.81 -33.01
C GLY A 322 18.49 27.73 -31.55
N ASP A 323 18.13 28.77 -30.81
CA ASP A 323 18.45 28.83 -29.39
C ASP A 323 17.67 27.85 -28.50
N ARG A 324 16.61 27.23 -29.01
CA ARG A 324 15.81 26.31 -28.21
C ARG A 324 16.53 25.04 -27.75
N GLU A 325 17.13 25.12 -26.56
CA GLU A 325 17.91 24.01 -26.01
C GLU A 325 17.11 22.79 -25.61
N ASP A 326 15.79 22.91 -25.57
CA ASP A 326 14.93 21.79 -25.21
C ASP A 326 14.97 20.79 -26.37
N ILE A 327 15.28 21.31 -27.55
CA ILE A 327 15.37 20.52 -28.76
C ILE A 327 16.81 20.18 -29.09
N THR A 328 17.70 21.16 -28.95
CA THR A 328 19.10 20.93 -29.30
C THR A 328 19.91 19.99 -28.43
N GLU A 329 19.69 19.96 -27.11
CA GLU A 329 20.49 19.02 -26.31
C GLU A 329 20.24 17.55 -26.66
N PRO A 330 18.96 17.12 -26.62
CA PRO A 330 18.78 15.72 -26.97
C PRO A 330 19.22 15.46 -28.41
N ALA A 331 18.87 16.37 -29.32
CA ALA A 331 19.26 16.22 -30.72
C ALA A 331 20.76 16.09 -30.84
N ILE A 332 21.51 17.02 -30.24
CA ILE A 332 22.95 16.93 -30.32
C ILE A 332 23.45 15.63 -29.70
N CYS A 333 22.95 15.28 -28.53
CA CYS A 333 23.36 14.04 -27.87
C CYS A 333 23.15 12.87 -28.82
N ALA A 334 21.99 12.85 -29.47
CA ALA A 334 21.68 11.79 -30.43
C ALA A 334 22.84 11.74 -31.42
N LEU A 335 23.12 12.88 -32.04
CA LEU A 335 24.19 12.99 -33.02
C LEU A 335 25.53 12.53 -32.46
N ARG A 336 25.73 12.71 -31.17
CA ARG A 336 26.99 12.26 -30.58
C ARG A 336 26.98 10.74 -30.55
N HIS A 337 25.87 10.20 -30.05
CA HIS A 337 25.69 8.76 -29.94
C HIS A 337 25.87 8.12 -31.31
N LEU A 338 25.27 8.72 -32.32
CA LEU A 338 25.34 8.20 -33.67
C LEU A 338 26.72 8.29 -34.30
N THR A 339 27.60 9.06 -33.70
CA THR A 339 28.93 9.20 -34.29
C THR A 339 30.06 8.45 -33.59
N SER A 340 29.70 7.40 -32.84
CA SER A 340 30.71 6.59 -32.17
C SER A 340 30.18 5.20 -31.85
N ARG A 341 31.12 4.28 -31.68
CA ARG A 341 30.84 2.90 -31.31
C ARG A 341 29.83 2.06 -32.08
N HIS A 342 29.99 2.02 -33.40
CA HIS A 342 29.14 1.21 -34.25
C HIS A 342 29.55 1.31 -35.73
N GLN A 343 29.40 0.20 -36.44
CA GLN A 343 29.79 0.12 -37.84
C GLN A 343 29.36 1.27 -38.75
N GLU A 344 28.30 1.99 -38.40
CA GLU A 344 27.84 3.09 -39.24
C GLU A 344 28.32 4.48 -38.78
N ALA A 345 29.09 4.51 -37.70
CA ALA A 345 29.61 5.75 -37.15
C ALA A 345 30.34 6.61 -38.20
N GLU A 346 31.28 5.99 -38.90
CA GLU A 346 32.02 6.72 -39.92
C GLU A 346 31.08 7.40 -40.89
N MET A 347 30.09 6.67 -41.39
CA MET A 347 29.14 7.26 -42.33
C MET A 347 28.48 8.51 -41.75
N ALA A 348 28.05 8.38 -40.50
CA ALA A 348 27.38 9.46 -39.77
C ALA A 348 28.32 10.64 -39.57
N GLN A 349 29.59 10.34 -39.32
CA GLN A 349 30.58 11.38 -39.13
C GLN A 349 30.67 12.27 -40.38
N ASN A 350 30.70 11.66 -41.56
CA ASN A 350 30.75 12.42 -42.81
C ASN A 350 29.38 12.96 -43.13
N ALA A 351 28.36 12.22 -42.74
CA ALA A 351 26.98 12.62 -42.96
C ALA A 351 26.66 13.99 -42.36
N VAL A 352 27.07 14.21 -41.11
CA VAL A 352 26.82 15.48 -40.44
C VAL A 352 27.36 16.62 -41.28
N ARG A 353 28.57 16.43 -41.80
CA ARG A 353 29.24 17.42 -42.62
C ARG A 353 28.57 17.60 -43.96
N LEU A 354 28.40 16.50 -44.69
CA LEU A 354 27.77 16.53 -46.00
C LEU A 354 26.33 17.07 -45.99
N HIS A 355 25.81 17.36 -44.80
CA HIS A 355 24.47 17.90 -44.67
C HIS A 355 24.50 19.30 -44.10
N TYR A 356 25.71 19.85 -44.03
CA TYR A 356 25.98 21.20 -43.56
C TYR A 356 25.76 21.44 -42.06
N GLY A 357 26.08 20.44 -41.26
CA GLY A 357 25.90 20.58 -39.84
C GLY A 357 27.09 21.16 -39.09
N LEU A 358 28.31 20.93 -39.57
CA LEU A 358 29.48 21.44 -38.86
C LEU A 358 29.33 22.86 -38.36
N PRO A 359 28.90 23.79 -39.24
CA PRO A 359 28.74 25.18 -38.79
C PRO A 359 27.84 25.30 -37.55
N VAL A 360 26.59 24.88 -37.70
CA VAL A 360 25.66 24.97 -36.60
C VAL A 360 26.19 24.28 -35.35
N VAL A 361 26.86 23.16 -35.53
CA VAL A 361 27.41 22.44 -34.39
C VAL A 361 28.48 23.25 -33.67
N VAL A 362 29.48 23.73 -34.41
CA VAL A 362 30.51 24.53 -33.78
C VAL A 362 29.89 25.73 -33.06
N LYS A 363 28.88 26.33 -33.68
CA LYS A 363 28.19 27.50 -33.12
C LYS A 363 27.58 27.27 -31.74
N LEU A 364 27.02 26.09 -31.52
CA LEU A 364 26.42 25.79 -30.24
C LEU A 364 27.43 25.82 -29.10
N LEU A 365 28.72 25.86 -29.45
CA LEU A 365 29.73 25.92 -28.41
C LEU A 365 29.74 27.30 -27.77
N HIS A 366 29.07 28.25 -28.39
CA HIS A 366 29.04 29.62 -27.89
C HIS A 366 27.71 30.01 -27.28
N PRO A 367 27.74 31.02 -26.40
CA PRO A 367 26.54 31.52 -25.72
C PRO A 367 25.50 31.85 -26.78
N PRO A 368 24.22 31.84 -26.39
CA PRO A 368 23.69 31.55 -25.06
C PRO A 368 23.84 30.12 -24.54
N SER A 369 24.01 29.17 -25.44
CA SER A 369 24.15 27.76 -25.06
C SER A 369 24.61 27.52 -23.62
N HIS A 370 23.84 26.71 -22.90
CA HIS A 370 24.15 26.38 -21.51
C HIS A 370 25.03 25.14 -21.37
N TRP A 371 25.68 25.01 -20.21
CA TRP A 371 26.58 23.90 -19.94
C TRP A 371 26.14 22.52 -20.42
N PRO A 372 24.96 22.06 -20.00
CA PRO A 372 24.56 20.73 -20.47
C PRO A 372 24.74 20.63 -22.00
N LEU A 373 24.22 21.61 -22.73
CA LEU A 373 24.32 21.64 -24.19
C LEU A 373 25.77 21.72 -24.68
N ILE A 374 26.58 22.59 -24.08
CA ILE A 374 27.96 22.70 -24.50
C ILE A 374 28.70 21.38 -24.29
N LYS A 375 28.53 20.76 -23.13
CA LYS A 375 29.17 19.49 -22.84
C LYS A 375 28.89 18.51 -23.97
N ALA A 376 27.61 18.41 -24.33
CA ALA A 376 27.14 17.51 -25.37
C ALA A 376 27.77 17.86 -26.71
N THR A 377 27.82 19.14 -27.01
CA THR A 377 28.38 19.60 -28.27
C THR A 377 29.86 19.30 -28.35
N VAL A 378 30.56 19.49 -27.24
CA VAL A 378 31.98 19.20 -27.23
C VAL A 378 32.14 17.74 -27.58
N GLY A 379 31.42 16.88 -26.87
CA GLY A 379 31.49 15.45 -27.13
C GLY A 379 31.23 15.10 -28.58
N LEU A 380 30.22 15.74 -29.17
CA LEU A 380 29.89 15.49 -30.57
C LEU A 380 31.04 15.91 -31.48
N ILE A 381 31.62 17.08 -31.20
CA ILE A 381 32.72 17.55 -32.01
C ILE A 381 33.87 16.57 -31.91
N ARG A 382 34.10 15.99 -30.74
CA ARG A 382 35.18 15.03 -30.64
C ARG A 382 34.94 13.87 -31.60
N ASN A 383 33.74 13.30 -31.59
CA ASN A 383 33.47 12.19 -32.50
C ASN A 383 33.63 12.63 -33.95
N LEU A 384 33.03 13.76 -34.32
CA LEU A 384 33.15 14.24 -35.68
C LEU A 384 34.62 14.33 -36.07
N ALA A 385 35.48 14.63 -35.09
CA ALA A 385 36.91 14.75 -35.37
C ALA A 385 37.60 13.41 -35.66
N LEU A 386 36.91 12.29 -35.43
CA LEU A 386 37.50 10.97 -35.69
C LEU A 386 37.66 10.78 -37.17
N CYS A 387 36.82 11.49 -37.91
CA CYS A 387 36.84 11.45 -39.35
C CYS A 387 37.75 12.56 -39.87
N PRO A 388 38.92 12.18 -40.43
CA PRO A 388 39.90 13.12 -40.97
C PRO A 388 39.29 14.14 -41.94
N ALA A 389 38.23 13.72 -42.61
CA ALA A 389 37.55 14.61 -43.54
C ALA A 389 36.77 15.70 -42.78
N ASN A 390 36.99 15.81 -41.48
CA ASN A 390 36.30 16.83 -40.70
C ASN A 390 37.26 17.81 -40.03
N HIS A 391 38.54 17.44 -40.00
CA HIS A 391 39.56 18.27 -39.38
C HIS A 391 39.58 19.69 -39.95
N ALA A 392 39.87 19.82 -41.23
CA ALA A 392 39.92 21.13 -41.84
C ALA A 392 38.61 21.90 -41.71
N PRO A 393 37.51 21.33 -42.19
CA PRO A 393 36.23 22.02 -42.10
C PRO A 393 35.98 22.49 -40.67
N LEU A 394 36.20 21.58 -39.74
CA LEU A 394 35.99 21.83 -38.33
C LEU A 394 36.93 22.92 -37.82
N ARG A 395 38.17 22.92 -38.31
CA ARG A 395 39.14 23.93 -37.92
C ARG A 395 38.67 25.29 -38.38
N GLU A 396 38.33 25.37 -39.66
CA GLU A 396 37.86 26.60 -40.29
C GLU A 396 36.57 27.16 -39.67
N GLN A 397 35.96 26.46 -38.74
CA GLN A 397 34.75 27.00 -38.10
C GLN A 397 35.16 27.61 -36.77
N GLY A 398 36.46 27.74 -36.57
CA GLY A 398 36.99 28.31 -35.35
C GLY A 398 36.72 27.52 -34.08
N ALA A 399 36.61 26.21 -34.23
CA ALA A 399 36.34 25.36 -33.08
C ALA A 399 37.50 25.23 -32.09
N ILE A 400 38.72 25.07 -32.61
CA ILE A 400 39.88 24.90 -31.75
C ILE A 400 40.09 26.08 -30.82
N PRO A 401 40.06 27.31 -31.34
CA PRO A 401 40.25 28.44 -30.43
C PRO A 401 39.24 28.36 -29.28
N ARG A 402 37.98 28.10 -29.64
CA ARG A 402 36.89 28.03 -28.67
C ARG A 402 37.00 26.90 -27.67
N LEU A 403 37.40 25.72 -28.13
CA LEU A 403 37.53 24.60 -27.23
C LEU A 403 38.54 24.99 -26.18
N VAL A 404 39.65 25.57 -26.61
CA VAL A 404 40.72 25.97 -25.70
C VAL A 404 40.22 27.00 -24.70
N GLN A 405 39.35 27.89 -25.16
CA GLN A 405 38.79 28.90 -24.28
C GLN A 405 37.97 28.24 -23.18
N LEU A 406 37.10 27.31 -23.57
CA LEU A 406 36.27 26.60 -22.61
C LEU A 406 37.20 25.80 -21.71
N LEU A 407 38.20 25.19 -22.29
CA LEU A 407 39.12 24.40 -21.49
C LEU A 407 39.79 25.25 -20.42
N VAL A 408 40.34 26.38 -20.82
CA VAL A 408 41.01 27.27 -19.89
C VAL A 408 40.09 27.70 -18.76
N ARG A 409 39.06 28.46 -19.09
CA ARG A 409 38.11 28.95 -18.10
C ARG A 409 37.59 27.87 -17.17
N ALA A 410 37.13 26.76 -17.74
CA ALA A 410 36.62 25.67 -16.92
C ALA A 410 37.71 25.20 -15.98
N HIS A 411 38.90 24.96 -16.52
CA HIS A 411 40.00 24.53 -15.69
C HIS A 411 40.35 25.53 -14.59
N GLN A 412 40.28 26.83 -14.89
CA GLN A 412 40.58 27.85 -13.87
C GLN A 412 39.57 27.72 -12.75
N ASP A 413 38.33 27.38 -13.13
CA ASP A 413 37.25 27.19 -12.17
C ASP A 413 37.60 25.99 -11.27
N THR A 414 38.02 24.88 -11.86
CA THR A 414 38.37 23.71 -11.05
C THR A 414 39.56 24.00 -10.15
N GLN A 415 40.19 25.16 -10.35
CA GLN A 415 41.34 25.53 -9.54
C GLN A 415 40.95 26.54 -8.47
N ARG A 416 40.05 27.45 -8.81
CA ARG A 416 39.62 28.43 -7.82
C ARG A 416 38.71 27.77 -6.79
N ARG A 417 38.30 26.52 -7.06
CA ARG A 417 37.45 25.79 -6.14
C ARG A 417 38.32 24.99 -5.16
N THR A 418 39.60 25.32 -5.13
CA THR A 418 40.55 24.64 -4.24
C THR A 418 40.93 25.54 -3.07
N SER A 419 41.08 26.83 -3.34
CA SER A 419 41.45 27.81 -2.32
C SER A 419 40.25 28.15 -1.45
N PHE A 427 29.84 22.01 -9.36
CA PHE A 427 28.63 21.88 -10.16
C PHE A 427 28.06 23.23 -10.59
N VAL A 428 27.54 23.27 -11.82
CA VAL A 428 26.95 24.47 -12.41
C VAL A 428 25.99 24.04 -13.51
N GLU A 429 24.70 24.22 -13.27
CA GLU A 429 23.68 23.83 -14.24
C GLU A 429 23.73 22.31 -14.39
N GLY A 430 24.15 21.65 -13.31
CA GLY A 430 24.24 20.20 -13.30
C GLY A 430 25.64 19.76 -13.68
N VAL A 431 26.16 20.32 -14.76
CA VAL A 431 27.48 20.01 -15.27
C VAL A 431 28.57 20.48 -14.32
N ARG A 432 29.63 19.69 -14.18
CA ARG A 432 30.74 20.09 -13.33
C ARG A 432 31.93 20.34 -14.25
N MET A 433 32.55 21.51 -14.10
CA MET A 433 33.68 21.91 -14.94
C MET A 433 34.71 20.83 -15.26
N GLU A 434 35.00 19.97 -14.29
CA GLU A 434 35.98 18.92 -14.53
C GLU A 434 35.59 18.11 -15.78
N GLU A 435 34.30 18.03 -16.05
CA GLU A 435 33.81 17.32 -17.22
C GLU A 435 34.22 18.14 -18.44
N ILE A 436 33.96 19.45 -18.38
CA ILE A 436 34.33 20.33 -19.48
C ILE A 436 35.85 20.30 -19.72
N VAL A 437 36.61 20.03 -18.68
CA VAL A 437 38.05 19.97 -18.85
C VAL A 437 38.34 18.74 -19.68
N GLU A 438 37.93 17.58 -19.18
CA GLU A 438 38.16 16.32 -19.87
C GLU A 438 37.58 16.38 -21.29
N GLY A 439 36.33 16.84 -21.40
CA GLY A 439 35.67 16.93 -22.69
C GLY A 439 36.46 17.74 -23.71
N CYS A 440 36.82 18.97 -23.35
CA CYS A 440 37.56 19.84 -24.25
C CYS A 440 38.96 19.33 -24.57
N THR A 441 39.67 18.84 -23.56
CA THR A 441 41.01 18.34 -23.81
C THR A 441 40.90 17.12 -24.75
N GLY A 442 39.83 16.34 -24.55
CA GLY A 442 39.62 15.16 -25.37
C GLY A 442 39.34 15.50 -26.82
N ALA A 443 38.58 16.55 -27.05
CA ALA A 443 38.27 16.94 -28.42
C ALA A 443 39.47 17.53 -29.11
N LEU A 444 40.43 18.00 -28.31
CA LEU A 444 41.64 18.58 -28.85
C LEU A 444 42.64 17.46 -29.16
N HIS A 445 42.50 16.38 -28.41
CA HIS A 445 43.35 15.20 -28.57
C HIS A 445 43.03 14.49 -29.88
N ILE A 446 41.76 14.40 -30.21
CA ILE A 446 41.38 13.73 -31.45
C ILE A 446 41.53 14.74 -32.54
N LEU A 447 41.46 16.00 -32.18
CA LEU A 447 41.59 17.04 -33.16
C LEU A 447 43.06 17.17 -33.55
N ALA A 448 43.93 16.95 -32.56
CA ALA A 448 45.37 17.06 -32.76
C ALA A 448 45.94 16.01 -33.74
N ARG A 449 45.10 15.44 -34.58
CA ARG A 449 45.57 14.45 -35.53
C ARG A 449 45.97 15.05 -36.86
N ASP A 450 45.51 16.27 -37.10
CA ASP A 450 45.79 16.97 -38.33
C ASP A 450 46.96 17.90 -38.05
N VAL A 451 48.02 17.80 -38.86
CA VAL A 451 49.21 18.64 -38.67
C VAL A 451 48.87 20.13 -38.51
N HIS A 452 47.96 20.61 -39.36
CA HIS A 452 47.54 22.00 -39.33
C HIS A 452 46.89 22.30 -38.00
N ASN A 453 46.10 21.35 -37.51
CA ASN A 453 45.45 21.55 -36.23
C ASN A 453 46.47 21.51 -35.12
N ARG A 454 47.47 20.63 -35.23
CA ARG A 454 48.48 20.53 -34.19
C ARG A 454 49.16 21.87 -34.04
N ILE A 455 49.33 22.54 -35.17
CA ILE A 455 49.95 23.86 -35.19
C ILE A 455 49.10 24.87 -34.45
N VAL A 456 47.80 24.88 -34.76
CA VAL A 456 46.87 25.81 -34.13
C VAL A 456 46.77 25.61 -32.61
N ILE A 457 46.54 24.36 -32.22
CA ILE A 457 46.42 24.00 -30.81
C ILE A 457 47.68 24.47 -30.11
N ARG A 458 48.82 24.26 -30.75
CA ARG A 458 50.08 24.64 -30.17
C ARG A 458 50.23 26.16 -30.13
N GLY A 459 49.83 26.83 -31.22
CA GLY A 459 49.94 28.26 -31.29
C GLY A 459 49.09 29.04 -30.29
N LEU A 460 48.13 28.36 -29.67
CA LEU A 460 47.27 29.00 -28.69
C LEU A 460 47.92 28.96 -27.32
N ASN A 461 49.18 28.56 -27.27
CA ASN A 461 49.90 28.51 -26.01
C ASN A 461 49.15 27.61 -25.04
N THR A 462 48.88 26.38 -25.49
CA THR A 462 48.15 25.40 -24.68
C THR A 462 49.03 24.40 -23.98
N ILE A 463 50.23 24.16 -24.51
CA ILE A 463 51.16 23.18 -23.94
C ILE A 463 51.33 23.28 -22.43
N PRO A 464 51.72 24.47 -21.92
CA PRO A 464 51.88 24.57 -20.47
C PRO A 464 50.65 24.06 -19.71
N LEU A 465 49.45 24.42 -20.17
CA LEU A 465 48.22 23.96 -19.52
C LEU A 465 48.10 22.43 -19.57
N PHE A 466 48.24 21.86 -20.75
CA PHE A 466 48.16 20.41 -20.89
C PHE A 466 49.04 19.71 -19.86
N VAL A 467 50.30 20.13 -19.78
CA VAL A 467 51.24 19.54 -18.82
C VAL A 467 50.63 19.59 -17.43
N GLN A 468 50.13 20.76 -17.04
CA GLN A 468 49.52 20.92 -15.74
C GLN A 468 48.44 19.85 -15.52
N LEU A 469 47.65 19.57 -16.54
CA LEU A 469 46.61 18.57 -16.43
C LEU A 469 47.14 17.19 -16.09
N LEU A 470 48.42 16.94 -16.38
CA LEU A 470 49.01 15.65 -16.07
C LEU A 470 48.99 15.49 -14.56
N TYR A 471 49.06 16.60 -13.84
CA TYR A 471 49.04 16.55 -12.40
C TYR A 471 47.62 16.41 -11.88
N SER A 472 46.68 16.15 -12.78
CA SER A 472 45.29 16.00 -12.36
C SER A 472 45.10 14.65 -11.68
N PRO A 473 44.18 14.58 -10.71
CA PRO A 473 43.90 13.34 -9.98
C PRO A 473 42.98 12.42 -10.78
N ILE A 474 42.17 13.02 -11.66
CA ILE A 474 41.23 12.27 -12.49
C ILE A 474 41.90 11.57 -13.69
N GLU A 475 41.99 10.24 -13.61
CA GLU A 475 42.61 9.43 -14.65
C GLU A 475 42.26 9.83 -16.07
N ASN A 476 40.97 10.06 -16.32
CA ASN A 476 40.52 10.41 -17.67
C ASN A 476 41.15 11.69 -18.20
N ILE A 477 41.26 12.69 -17.32
CA ILE A 477 41.87 13.94 -17.71
C ILE A 477 43.31 13.60 -17.98
N GLN A 478 43.95 12.91 -17.04
CA GLN A 478 45.33 12.50 -17.22
C GLN A 478 45.49 11.89 -18.60
N ARG A 479 44.55 11.02 -18.95
CA ARG A 479 44.57 10.34 -20.24
C ARG A 479 44.59 11.28 -21.44
N VAL A 480 43.60 12.16 -21.54
CA VAL A 480 43.52 13.07 -22.67
C VAL A 480 44.64 14.10 -22.69
N ALA A 481 45.10 14.51 -21.50
CA ALA A 481 46.17 15.49 -21.40
C ALA A 481 47.41 14.85 -22.00
N ALA A 482 47.75 13.67 -21.51
CA ALA A 482 48.90 12.93 -22.02
C ALA A 482 48.69 12.61 -23.48
N GLY A 483 47.44 12.32 -23.83
CA GLY A 483 47.09 11.98 -25.20
C GLY A 483 47.29 13.10 -26.19
N VAL A 484 46.83 14.29 -25.85
CA VAL A 484 46.99 15.42 -26.76
C VAL A 484 48.48 15.77 -26.78
N LEU A 485 49.15 15.58 -25.64
CA LEU A 485 50.58 15.86 -25.55
C LEU A 485 51.36 14.93 -26.48
N CYS A 486 50.92 13.69 -26.56
CA CYS A 486 51.53 12.70 -27.42
C CYS A 486 51.38 13.11 -28.89
N GLU A 487 50.19 13.55 -29.28
CA GLU A 487 49.96 13.96 -30.67
C GLU A 487 50.84 15.16 -31.05
N LEU A 488 51.04 16.09 -30.11
CA LEU A 488 51.84 17.26 -30.39
C LEU A 488 53.31 16.92 -30.44
N ALA A 489 53.76 16.18 -29.43
CA ALA A 489 55.16 15.77 -29.31
C ALA A 489 55.71 15.00 -30.51
N GLN A 490 54.87 14.74 -31.51
CA GLN A 490 55.38 14.01 -32.66
C GLN A 490 56.14 14.98 -33.57
N ASP A 491 56.26 16.22 -33.15
CA ASP A 491 56.99 17.23 -33.90
C ASP A 491 58.08 17.78 -32.98
N LYS A 492 59.30 17.85 -33.49
CA LYS A 492 60.46 18.28 -32.72
C LYS A 492 60.27 19.49 -31.81
N GLU A 493 60.13 20.67 -32.40
CA GLU A 493 59.95 21.92 -31.65
C GLU A 493 58.95 21.67 -30.53
N ALA A 494 57.79 21.15 -30.92
CA ALA A 494 56.71 20.84 -29.99
C ALA A 494 57.24 19.92 -28.89
N ALA A 495 57.82 18.80 -29.29
CA ALA A 495 58.38 17.84 -28.36
C ALA A 495 59.25 18.54 -27.33
N GLU A 496 60.19 19.38 -27.77
CA GLU A 496 61.07 20.07 -26.83
C GLU A 496 60.37 21.14 -26.01
N ALA A 497 59.42 21.83 -26.62
CA ALA A 497 58.66 22.86 -25.92
C ALA A 497 58.00 22.16 -24.74
N ILE A 498 57.51 20.95 -24.99
CA ILE A 498 56.86 20.14 -23.99
C ILE A 498 57.88 19.75 -22.93
N GLU A 499 58.98 19.15 -23.38
CA GLU A 499 60.04 18.74 -22.47
C GLU A 499 60.41 19.92 -21.59
N ALA A 500 60.58 21.07 -22.23
CA ALA A 500 60.95 22.29 -21.54
C ALA A 500 59.90 22.76 -20.53
N GLU A 501 58.68 22.27 -20.67
CA GLU A 501 57.62 22.67 -19.75
C GLU A 501 57.66 21.84 -18.47
N GLY A 502 58.51 20.81 -18.46
CA GLY A 502 58.64 19.98 -17.29
C GLY A 502 57.68 18.80 -17.26
N ALA A 503 57.28 18.36 -18.45
CA ALA A 503 56.36 17.24 -18.57
C ALA A 503 57.10 15.93 -18.28
N THR A 504 58.41 15.95 -18.54
CA THR A 504 59.26 14.78 -18.34
C THR A 504 59.06 14.15 -16.97
N ALA A 505 59.09 14.98 -15.93
CA ALA A 505 58.91 14.49 -14.57
C ALA A 505 57.57 13.76 -14.36
N PRO A 506 56.43 14.47 -14.52
CA PRO A 506 55.09 13.88 -14.34
C PRO A 506 54.79 12.67 -15.23
N LEU A 507 55.10 12.79 -16.52
CA LEU A 507 54.85 11.67 -17.43
C LEU A 507 55.55 10.43 -16.92
N THR A 508 56.80 10.59 -16.51
CA THR A 508 57.58 9.49 -15.98
C THR A 508 56.76 8.70 -14.96
N GLU A 509 56.19 9.39 -13.98
CA GLU A 509 55.38 8.72 -12.96
C GLU A 509 54.06 8.19 -13.53
N LEU A 510 53.56 8.82 -14.60
CA LEU A 510 52.31 8.36 -15.19
C LEU A 510 52.53 7.03 -15.90
N LEU A 511 53.75 6.52 -15.82
CA LEU A 511 54.09 5.24 -16.45
C LEU A 511 53.60 4.12 -15.54
N HIS A 512 53.64 4.37 -14.23
CA HIS A 512 53.19 3.41 -13.23
C HIS A 512 51.71 3.62 -12.98
N SER A 513 51.01 4.09 -14.01
CA SER A 513 49.58 4.33 -13.91
C SER A 513 48.84 3.03 -14.17
N ARG A 514 47.75 2.82 -13.44
CA ARG A 514 46.95 1.62 -13.60
C ARG A 514 46.18 1.64 -14.92
N ASN A 515 46.08 2.82 -15.53
CA ASN A 515 45.36 2.97 -16.78
C ASN A 515 46.25 2.71 -17.99
N GLU A 516 45.95 1.64 -18.72
CA GLU A 516 46.71 1.27 -19.91
C GLU A 516 46.96 2.46 -20.84
N GLY A 517 45.87 3.04 -21.34
CA GLY A 517 45.97 4.18 -22.24
C GLY A 517 46.86 5.30 -21.70
N VAL A 518 46.62 5.67 -20.45
CA VAL A 518 47.39 6.71 -19.80
C VAL A 518 48.88 6.43 -19.84
N ALA A 519 49.28 5.26 -19.37
CA ALA A 519 50.70 4.89 -19.37
C ALA A 519 51.27 4.93 -20.78
N THR A 520 50.58 4.30 -21.73
CA THR A 520 51.03 4.29 -23.10
C THR A 520 51.34 5.70 -23.60
N TYR A 521 50.39 6.61 -23.45
CA TYR A 521 50.60 7.98 -23.90
C TYR A 521 51.83 8.55 -23.23
N ALA A 522 51.92 8.34 -21.92
CA ALA A 522 53.05 8.84 -21.17
C ALA A 522 54.36 8.33 -21.79
N ALA A 523 54.54 7.02 -21.78
CA ALA A 523 55.75 6.42 -22.34
C ALA A 523 56.01 6.91 -23.76
N ALA A 524 54.94 7.25 -24.47
CA ALA A 524 55.05 7.75 -25.83
C ALA A 524 55.71 9.13 -25.86
N VAL A 525 55.23 10.05 -25.02
CA VAL A 525 55.81 11.38 -24.98
C VAL A 525 57.26 11.31 -24.51
N LEU A 526 57.48 10.67 -23.36
CA LEU A 526 58.82 10.51 -22.83
C LEU A 526 59.74 10.03 -23.95
N PHE A 527 59.18 9.22 -24.84
CA PHE A 527 59.96 8.71 -25.97
C PHE A 527 60.06 9.78 -27.04
N ARG A 528 58.92 10.33 -27.45
CA ARG A 528 58.91 11.36 -28.48
C ARG A 528 59.87 12.51 -28.14
N MET A 529 59.91 12.87 -26.86
CA MET A 529 60.79 13.95 -26.40
C MET A 529 62.25 13.64 -26.65
N SER A 530 62.71 12.52 -26.10
CA SER A 530 64.10 12.10 -26.24
C SER A 530 64.45 11.55 -27.63
N GLU A 531 63.45 11.13 -28.39
CA GLU A 531 63.74 10.59 -29.71
C GLU A 531 64.41 11.63 -30.61
N ASP A 532 65.73 11.57 -30.69
CA ASP A 532 66.51 12.49 -31.50
C ASP A 532 66.03 12.49 -32.95
N VAL B 51 15.55 15.89 -16.03
CA VAL B 51 16.52 16.11 -14.91
C VAL B 51 17.96 16.08 -15.44
N THR B 52 18.85 15.44 -14.68
CA THR B 52 20.26 15.35 -15.06
C THR B 52 20.53 14.07 -15.85
N ARG B 53 21.54 14.11 -16.72
CA ARG B 53 21.90 12.94 -17.50
C ARG B 53 22.81 12.00 -16.72
N ASN B 54 22.95 10.78 -17.21
CA ASN B 54 23.76 9.77 -16.56
C ASN B 54 24.58 9.04 -17.61
N ASP B 55 25.90 9.07 -17.49
CA ASP B 55 26.74 8.38 -18.46
C ASP B 55 26.53 6.87 -18.28
N VAL B 56 26.71 6.13 -19.37
CA VAL B 56 26.54 4.69 -19.40
C VAL B 56 27.76 4.01 -20.02
N ALA B 57 28.39 3.10 -19.27
CA ALA B 57 29.57 2.42 -19.78
C ALA B 57 29.24 1.67 -21.06
N PRO B 58 30.13 1.75 -22.07
CA PRO B 58 29.94 1.07 -23.36
C PRO B 58 29.98 -0.43 -23.19
N THR B 59 28.87 -1.13 -23.42
CA THR B 59 28.90 -2.57 -23.30
C THR B 59 29.76 -3.07 -24.46
N LEU B 60 31.05 -3.23 -24.19
CA LEU B 60 32.00 -3.66 -25.19
C LEU B 60 31.66 -4.98 -25.85
N MET B 61 32.38 -5.26 -26.92
CA MET B 61 32.23 -6.49 -27.67
C MET B 61 33.65 -7.05 -27.67
N SER B 62 34.42 -6.59 -26.69
CA SER B 62 35.81 -6.99 -26.45
C SER B 62 36.81 -6.44 -27.46
N VAL B 63 37.72 -5.57 -26.98
CA VAL B 63 38.74 -4.98 -27.84
C VAL B 63 40.11 -4.68 -27.17
N PRO B 64 40.17 -4.66 -25.82
CA PRO B 64 41.46 -4.38 -25.15
C PRO B 64 42.61 -5.24 -25.66
N GLN B 65 43.83 -4.74 -25.59
CA GLN B 65 45.00 -5.49 -26.07
C GLN B 65 46.32 -4.73 -26.02
N TYR B 66 46.91 -4.61 -24.83
CA TYR B 66 48.18 -3.90 -24.68
C TYR B 66 49.34 -4.83 -24.35
N ARG B 67 50.32 -4.93 -25.27
CA ARG B 67 51.48 -5.79 -25.06
C ARG B 67 52.35 -5.27 -23.92
N PRO B 68 53.05 -6.18 -23.21
CA PRO B 68 53.91 -5.76 -22.09
C PRO B 68 55.27 -5.23 -22.60
N ARG B 69 55.80 -4.22 -21.91
CA ARG B 69 57.08 -3.61 -22.28
C ARG B 69 58.19 -4.66 -22.30
N PRO B 70 58.73 -4.95 -23.50
CA PRO B 70 59.80 -5.93 -23.67
C PRO B 70 61.20 -5.40 -23.34
N ALA B 71 62.14 -6.31 -23.14
CA ALA B 71 63.51 -5.94 -22.86
C ALA B 71 64.06 -5.54 -24.22
N ASN B 72 65.35 -5.74 -24.45
CA ASN B 72 65.93 -5.38 -25.73
C ASN B 72 65.38 -4.03 -26.15
N PRO B 73 65.74 -2.96 -25.42
CA PRO B 73 65.29 -1.60 -25.69
C PRO B 73 65.35 -1.21 -27.16
N ASP B 74 66.07 -1.99 -27.96
CA ASP B 74 66.19 -1.72 -29.38
C ASP B 74 64.84 -1.95 -30.07
N GLU B 75 63.86 -2.40 -29.29
CA GLU B 75 62.53 -2.66 -29.83
C GLU B 75 61.39 -2.03 -29.03
N ILE B 76 61.72 -1.36 -27.93
CA ILE B 76 60.70 -0.72 -27.10
C ILE B 76 60.16 0.49 -27.86
N GLY B 77 60.76 0.75 -29.02
CA GLY B 77 60.37 1.87 -29.87
C GLY B 77 59.15 1.57 -30.72
N ASN B 78 59.05 0.34 -31.21
CA ASN B 78 57.92 -0.08 -32.01
C ASN B 78 56.91 -0.69 -31.06
N PHE B 79 57.37 -0.97 -29.85
CA PHE B 79 56.52 -1.52 -28.80
C PHE B 79 55.37 -0.55 -28.61
N ILE B 80 55.71 0.74 -28.66
CA ILE B 80 54.73 1.79 -28.49
C ILE B 80 53.86 2.00 -29.73
N ASP B 81 54.47 2.09 -30.90
CA ASP B 81 53.70 2.30 -32.13
C ASP B 81 52.44 1.44 -32.22
N GLU B 82 52.58 0.14 -32.00
CA GLU B 82 51.43 -0.76 -32.08
C GLU B 82 50.55 -0.66 -30.84
N ASN B 83 51.20 -0.59 -29.67
CA ASN B 83 50.52 -0.48 -28.39
C ASN B 83 49.74 0.86 -28.32
N LEU B 84 50.22 1.84 -29.06
CA LEU B 84 49.62 3.16 -29.12
C LEU B 84 48.35 3.09 -29.96
N LYS B 85 48.46 2.46 -31.12
CA LYS B 85 47.33 2.29 -32.02
C LYS B 85 46.17 1.65 -31.26
N ALA B 86 46.51 0.93 -30.19
CA ALA B 86 45.54 0.25 -29.34
C ALA B 86 44.82 1.24 -28.43
N ALA B 87 45.59 2.11 -27.79
CA ALA B 87 45.04 3.12 -26.91
C ALA B 87 44.14 4.09 -27.66
N ASP B 88 44.42 4.29 -28.94
CA ASP B 88 43.63 5.20 -29.77
C ASP B 88 42.36 4.51 -30.24
N SER B 89 42.41 3.18 -30.25
CA SER B 89 41.29 2.34 -30.66
C SER B 89 40.32 2.11 -29.50
N ASP B 90 40.88 1.91 -28.30
CA ASP B 90 40.13 1.66 -27.08
C ASP B 90 38.76 2.32 -26.98
N PRO B 91 37.70 1.51 -27.09
CA PRO B 91 36.32 1.97 -27.03
C PRO B 91 35.87 2.36 -25.63
N THR B 92 36.61 1.88 -24.62
CA THR B 92 36.28 2.17 -23.23
C THR B 92 36.78 3.53 -22.75
N ALA B 93 36.81 4.50 -23.65
CA ALA B 93 37.27 5.82 -23.29
C ALA B 93 36.18 6.82 -23.66
N PRO B 94 36.01 7.86 -22.83
CA PRO B 94 35.00 8.89 -23.09
C PRO B 94 35.13 9.46 -24.51
N PRO B 95 34.07 10.11 -25.01
CA PRO B 95 32.78 10.32 -24.33
C PRO B 95 31.87 9.11 -24.32
N TYR B 96 31.13 8.94 -23.24
CA TYR B 96 30.19 7.84 -23.12
C TYR B 96 28.81 8.33 -23.57
N ASP B 97 27.95 7.42 -24.01
CA ASP B 97 26.61 7.82 -24.42
C ASP B 97 25.89 8.22 -23.11
N SER B 98 24.85 9.03 -23.18
CA SER B 98 24.17 9.41 -21.94
C SER B 98 22.67 9.22 -21.98
N LEU B 99 22.09 9.06 -20.79
CA LEU B 99 20.65 8.86 -20.63
C LEU B 99 20.00 9.94 -19.79
N LEU B 100 18.97 10.56 -20.35
CA LEU B 100 18.22 11.59 -19.63
C LEU B 100 16.92 10.91 -19.24
N VAL B 101 16.44 11.19 -18.04
CA VAL B 101 15.21 10.53 -17.58
C VAL B 101 14.00 11.45 -17.47
N PHE B 102 13.16 11.43 -18.49
CA PHE B 102 11.97 12.27 -18.50
C PHE B 102 10.86 11.69 -17.60
N ASP B 103 10.08 12.57 -16.98
CA ASP B 103 8.99 12.12 -16.10
C ASP B 103 7.75 13.01 -16.09
N TYR B 104 7.30 13.43 -17.27
CA TYR B 104 6.11 14.25 -17.40
C TYR B 104 4.85 13.40 -17.12
N GLU B 105 4.11 13.75 -16.07
CA GLU B 105 2.91 13.00 -15.73
C GLU B 105 1.66 13.71 -16.23
N GLY B 106 1.80 15.00 -16.53
CA GLY B 106 0.66 15.79 -16.99
C GLY B 106 -0.03 16.39 -15.78
N SER B 107 -1.30 16.73 -15.92
CA SER B 107 -2.07 17.33 -14.81
C SER B 107 -3.49 16.78 -14.82
N HIS C 1 -68.18 -0.28 13.77
CA HIS C 1 -66.83 -0.78 14.17
C HIS C 1 -65.83 0.35 14.40
N ALA C 2 -65.70 1.23 13.43
CA ALA C 2 -64.77 2.37 13.52
C ALA C 2 -64.88 3.07 14.86
N VAL C 3 -65.99 2.85 15.56
CA VAL C 3 -66.21 3.46 16.85
C VAL C 3 -66.69 2.45 17.89
N VAL C 4 -67.47 1.45 17.45
CA VAL C 4 -67.97 0.42 18.36
C VAL C 4 -66.85 -0.06 19.29
N ASN C 5 -65.66 -0.20 18.73
CA ASN C 5 -64.51 -0.65 19.49
C ASN C 5 -64.19 0.45 20.50
N LEU C 6 -63.98 1.65 19.98
CA LEU C 6 -63.65 2.81 20.81
C LEU C 6 -64.65 3.04 21.96
N ILE C 7 -65.84 2.48 21.82
CA ILE C 7 -66.85 2.62 22.85
C ILE C 7 -66.71 1.48 23.84
N ASN C 8 -66.52 0.27 23.31
CA ASN C 8 -66.35 -0.91 24.16
C ASN C 8 -65.03 -0.82 24.93
N TYR C 9 -64.10 -0.04 24.39
CA TYR C 9 -62.80 0.14 25.02
C TYR C 9 -63.00 0.78 26.38
N GLN C 10 -63.20 2.10 26.36
CA GLN C 10 -63.41 2.85 27.58
C GLN C 10 -64.38 2.11 28.50
N ASP C 11 -65.32 1.37 27.91
CA ASP C 11 -66.28 0.61 28.69
C ASP C 11 -65.62 -0.56 29.42
N ASP C 12 -64.99 -1.45 28.66
CA ASP C 12 -64.31 -2.60 29.25
C ASP C 12 -63.25 -2.11 30.22
N ALA C 13 -62.72 -0.93 29.91
CA ALA C 13 -61.69 -0.28 30.72
C ALA C 13 -62.29 0.18 32.05
N GLU C 14 -63.30 1.03 31.98
CA GLU C 14 -63.93 1.52 33.19
C GLU C 14 -64.38 0.35 34.06
N LEU C 15 -64.80 -0.73 33.42
CA LEU C 15 -65.25 -1.91 34.15
C LEU C 15 -64.08 -2.55 34.88
N ALA C 16 -62.94 -2.61 34.21
CA ALA C 16 -61.76 -3.19 34.81
C ALA C 16 -61.35 -2.35 36.01
N THR C 17 -61.28 -1.04 35.81
CA THR C 17 -60.91 -0.10 36.87
C THR C 17 -61.79 -0.36 38.08
N ARG C 18 -62.93 -0.98 37.82
CA ARG C 18 -63.88 -1.30 38.87
C ARG C 18 -63.61 -2.69 39.43
N ALA C 19 -63.01 -3.54 38.61
CA ALA C 19 -62.73 -4.93 39.02
C ALA C 19 -61.40 -5.15 39.73
N ILE C 20 -60.41 -4.35 39.40
CA ILE C 20 -59.08 -4.48 40.00
C ILE C 20 -59.09 -4.57 41.52
N PRO C 21 -59.58 -3.51 42.20
CA PRO C 21 -59.63 -3.49 43.67
C PRO C 21 -60.05 -4.83 44.25
N GLU C 22 -61.13 -5.36 43.72
CA GLU C 22 -61.67 -6.63 44.16
C GLU C 22 -60.64 -7.74 43.96
N LEU C 23 -60.08 -7.79 42.76
CA LEU C 23 -59.08 -8.81 42.45
C LEU C 23 -57.82 -8.62 43.29
N THR C 24 -57.55 -7.37 43.66
CA THR C 24 -56.39 -7.07 44.49
C THR C 24 -56.67 -7.68 45.84
N LYS C 25 -57.79 -7.28 46.43
CA LYS C 25 -58.20 -7.78 47.74
C LYS C 25 -58.14 -9.30 47.72
N LEU C 26 -58.56 -9.89 46.62
CA LEU C 26 -58.54 -11.34 46.53
C LEU C 26 -57.11 -11.90 46.53
N LEU C 27 -56.20 -11.27 45.79
CA LEU C 27 -54.83 -11.75 45.74
C LEU C 27 -54.16 -11.63 47.11
N ASN C 28 -54.63 -10.69 47.91
CA ASN C 28 -54.07 -10.50 49.24
C ASN C 28 -54.74 -11.39 50.28
N ASP C 29 -55.45 -12.42 49.84
CA ASP C 29 -56.12 -13.30 50.78
C ASP C 29 -55.21 -14.43 51.27
N GLU C 30 -55.55 -15.01 52.43
CA GLU C 30 -54.77 -16.10 53.00
C GLU C 30 -55.09 -17.49 52.44
N ASP C 31 -56.31 -17.68 51.96
CA ASP C 31 -56.71 -18.94 51.37
C ASP C 31 -56.17 -18.98 49.95
N GLN C 32 -54.95 -19.48 49.80
CA GLN C 32 -54.28 -19.54 48.52
C GLN C 32 -55.12 -20.03 47.34
N VAL C 33 -56.22 -20.74 47.61
CA VAL C 33 -57.05 -21.20 46.50
C VAL C 33 -57.85 -20.01 45.95
N VAL C 34 -58.08 -19.02 46.81
CA VAL C 34 -58.79 -17.80 46.44
C VAL C 34 -57.83 -17.05 45.53
N VAL C 35 -56.61 -16.86 46.02
CA VAL C 35 -55.56 -16.17 45.28
C VAL C 35 -55.32 -16.87 43.97
N ASN C 36 -55.19 -18.19 44.01
CA ASN C 36 -54.98 -18.94 42.79
C ASN C 36 -56.04 -18.58 41.78
N LYS C 37 -57.30 -18.59 42.20
CA LYS C 37 -58.40 -18.26 41.29
C LYS C 37 -58.26 -16.83 40.80
N ALA C 38 -58.00 -15.92 41.74
CA ALA C 38 -57.84 -14.51 41.42
C ALA C 38 -56.82 -14.31 40.33
N ALA C 39 -55.67 -14.96 40.52
CA ALA C 39 -54.57 -14.87 39.57
C ALA C 39 -55.02 -15.22 38.17
N VAL C 40 -55.89 -16.20 38.06
CA VAL C 40 -56.40 -16.64 36.78
C VAL C 40 -57.22 -15.54 36.09
N MET C 41 -58.10 -14.91 36.85
CA MET C 41 -58.90 -13.86 36.25
C MET C 41 -58.00 -12.71 35.86
N VAL C 42 -57.09 -12.33 36.75
CA VAL C 42 -56.16 -11.24 36.47
C VAL C 42 -55.44 -11.47 35.14
N HIS C 43 -54.85 -12.66 34.99
CA HIS C 43 -54.15 -12.99 33.76
C HIS C 43 -55.06 -12.75 32.55
N GLN C 44 -56.29 -13.26 32.63
CA GLN C 44 -57.24 -13.10 31.54
C GLN C 44 -57.43 -11.62 31.21
N LEU C 45 -57.69 -10.81 32.24
CA LEU C 45 -57.88 -9.38 32.04
C LEU C 45 -56.65 -8.80 31.39
N SER C 46 -55.48 -9.24 31.84
CA SER C 46 -54.22 -8.73 31.30
C SER C 46 -54.08 -8.99 29.81
N LYS C 47 -54.98 -9.79 29.24
CA LYS C 47 -54.87 -10.06 27.82
C LYS C 47 -55.57 -9.02 26.95
N LYS C 48 -56.51 -8.29 27.51
CA LYS C 48 -57.19 -7.25 26.73
C LYS C 48 -56.58 -5.92 27.12
N GLU C 49 -56.12 -5.16 26.13
CA GLU C 49 -55.49 -3.87 26.36
C GLU C 49 -56.24 -2.89 27.29
N ALA C 50 -57.56 -2.94 27.31
CA ALA C 50 -58.29 -2.04 28.18
C ALA C 50 -58.12 -2.51 29.62
N SER C 51 -58.26 -3.81 29.83
CA SER C 51 -58.13 -4.40 31.16
C SER C 51 -56.70 -4.20 31.62
N ARG C 52 -55.79 -4.36 30.67
CA ARG C 52 -54.35 -4.23 30.90
C ARG C 52 -53.97 -2.92 31.59
N HIS C 53 -54.31 -1.80 30.97
CA HIS C 53 -53.97 -0.49 31.52
C HIS C 53 -54.46 -0.29 32.94
N ALA C 54 -55.66 -0.77 33.25
CA ALA C 54 -56.17 -0.63 34.60
C ALA C 54 -55.16 -1.24 35.57
N ILE C 55 -54.67 -2.43 35.25
CA ILE C 55 -53.69 -3.12 36.08
C ILE C 55 -52.39 -2.32 36.24
N MET C 56 -51.85 -1.85 35.12
CA MET C 56 -50.61 -1.06 35.15
C MET C 56 -50.78 0.20 35.99
N ARG C 57 -51.93 0.84 35.87
CA ARG C 57 -52.18 2.05 36.61
C ARG C 57 -52.52 1.78 38.08
N SER C 58 -52.21 0.58 38.56
CA SER C 58 -52.49 0.22 39.95
C SER C 58 -51.33 -0.40 40.77
N PRO C 59 -50.55 0.46 41.45
CA PRO C 59 -49.42 -0.03 42.25
C PRO C 59 -49.76 -1.21 43.16
N GLN C 60 -50.94 -1.20 43.78
CA GLN C 60 -51.30 -2.29 44.67
C GLN C 60 -51.60 -3.56 43.89
N MET C 61 -52.24 -3.41 42.75
CA MET C 61 -52.56 -4.57 41.95
C MET C 61 -51.26 -5.27 41.53
N VAL C 62 -50.40 -4.52 40.83
CA VAL C 62 -49.14 -5.06 40.35
C VAL C 62 -48.29 -5.64 41.47
N SER C 63 -48.28 -4.95 42.61
CA SER C 63 -47.50 -5.41 43.75
C SER C 63 -47.97 -6.82 44.16
N ALA C 64 -49.29 -7.00 44.19
CA ALA C 64 -49.91 -8.26 44.55
C ALA C 64 -49.52 -9.35 43.58
N ILE C 65 -49.65 -9.05 42.29
CA ILE C 65 -49.31 -9.99 41.24
C ILE C 65 -47.88 -10.47 41.45
N VAL C 66 -46.98 -9.53 41.71
CA VAL C 66 -45.59 -9.88 41.94
C VAL C 66 -45.44 -10.84 43.12
N ARG C 67 -45.81 -10.38 44.32
CA ARG C 67 -45.70 -11.22 45.51
C ARG C 67 -46.20 -12.65 45.24
N THR C 68 -47.41 -12.74 44.73
CA THR C 68 -48.03 -14.02 44.44
C THR C 68 -47.16 -14.89 43.56
N MET C 69 -46.67 -14.31 42.47
CA MET C 69 -45.83 -15.06 41.57
C MET C 69 -44.60 -15.62 42.25
N GLN C 70 -43.98 -14.84 43.12
CA GLN C 70 -42.78 -15.30 43.76
C GLN C 70 -42.92 -16.19 44.99
N ASN C 71 -44.10 -16.17 45.62
CA ASN C 71 -44.32 -16.98 46.82
C ASN C 71 -45.23 -18.18 46.57
N THR C 72 -45.91 -18.20 45.43
CA THR C 72 -46.81 -19.30 45.10
C THR C 72 -46.08 -20.60 44.88
N ASN C 73 -46.75 -21.71 45.17
CA ASN C 73 -46.17 -23.03 44.97
C ASN C 73 -46.96 -23.76 43.89
N ASP C 74 -47.91 -23.05 43.27
CA ASP C 74 -48.74 -23.63 42.22
C ASP C 74 -48.28 -23.23 40.82
N VAL C 75 -47.86 -24.22 40.03
CA VAL C 75 -47.43 -23.94 38.68
C VAL C 75 -48.45 -23.10 37.92
N GLU C 76 -49.67 -23.60 37.78
CA GLU C 76 -50.69 -22.85 37.06
C GLU C 76 -50.73 -21.38 37.46
N THR C 77 -50.45 -21.06 38.72
CA THR C 77 -50.44 -19.68 39.19
C THR C 77 -49.20 -18.94 38.69
N ALA C 78 -48.04 -19.53 38.92
CA ALA C 78 -46.78 -18.95 38.46
C ALA C 78 -46.93 -18.67 36.95
N ARG C 79 -47.55 -19.60 36.24
CA ARG C 79 -47.75 -19.42 34.82
C ARG C 79 -48.60 -18.18 34.57
N CYS C 80 -49.64 -18.00 35.36
CA CYS C 80 -50.50 -16.84 35.18
C CYS C 80 -49.89 -15.54 35.64
N THR C 81 -49.34 -15.52 36.85
CA THR C 81 -48.74 -14.29 37.34
C THR C 81 -47.67 -13.82 36.38
N ALA C 82 -46.72 -14.69 36.07
CA ALA C 82 -45.62 -14.36 35.17
C ALA C 82 -46.12 -13.92 33.78
N GLY C 83 -47.18 -14.55 33.31
CA GLY C 83 -47.71 -14.17 32.02
C GLY C 83 -48.28 -12.76 32.06
N THR C 84 -48.95 -12.44 33.18
CA THR C 84 -49.56 -11.13 33.39
C THR C 84 -48.49 -10.05 33.28
N LEU C 85 -47.41 -10.24 34.05
CA LEU C 85 -46.29 -9.32 34.04
C LEU C 85 -45.75 -9.24 32.62
N HIS C 86 -45.63 -10.40 32.00
CA HIS C 86 -45.15 -10.45 30.62
C HIS C 86 -45.94 -9.45 29.78
N ASN C 87 -47.27 -9.51 29.87
CA ASN C 87 -48.13 -8.61 29.11
C ASN C 87 -47.98 -7.14 29.49
N LEU C 88 -47.93 -6.86 30.78
CA LEU C 88 -47.76 -5.47 31.20
C LEU C 88 -46.42 -5.01 30.64
N SER C 89 -45.47 -5.93 30.64
CA SER C 89 -44.12 -5.68 30.16
C SER C 89 -44.01 -4.99 28.82
N HIS C 90 -45.10 -4.90 28.09
CA HIS C 90 -45.04 -4.27 26.77
C HIS C 90 -45.41 -2.78 26.72
N HIS C 91 -45.64 -2.17 27.87
CA HIS C 91 -46.00 -0.76 27.91
C HIS C 91 -45.06 -0.06 28.85
N ARG C 92 -44.60 1.13 28.48
CA ARG C 92 -43.68 1.87 29.33
C ARG C 92 -44.30 1.99 30.73
N GLU C 93 -45.59 2.27 30.76
CA GLU C 93 -46.28 2.40 32.04
C GLU C 93 -46.11 1.11 32.84
N GLY C 94 -46.18 -0.02 32.15
CA GLY C 94 -46.05 -1.32 32.80
C GLY C 94 -44.65 -1.66 33.25
N LEU C 95 -43.67 -1.38 32.40
CA LEU C 95 -42.30 -1.68 32.76
C LEU C 95 -41.97 -1.00 34.08
N LEU C 96 -42.39 0.26 34.22
CA LEU C 96 -42.13 1.01 35.44
C LEU C 96 -42.88 0.42 36.61
N ALA C 97 -44.11 -0.02 36.37
CA ALA C 97 -44.94 -0.61 37.40
C ALA C 97 -44.27 -1.88 37.91
N ILE C 98 -43.89 -2.75 36.99
CA ILE C 98 -43.22 -3.99 37.36
C ILE C 98 -42.02 -3.64 38.21
N PHE C 99 -41.26 -2.65 37.75
CA PHE C 99 -40.08 -2.21 38.47
C PHE C 99 -40.37 -1.74 39.89
N LYS C 100 -41.29 -0.80 40.05
CA LYS C 100 -41.62 -0.27 41.37
C LYS C 100 -42.16 -1.34 42.31
N SER C 101 -42.85 -2.34 41.76
CA SER C 101 -43.44 -3.40 42.58
C SER C 101 -42.45 -4.46 43.03
N GLY C 102 -41.18 -4.27 42.73
CA GLY C 102 -40.17 -5.24 43.12
C GLY C 102 -40.29 -6.54 42.33
N GLY C 103 -40.69 -6.41 41.08
CA GLY C 103 -40.85 -7.59 40.25
C GLY C 103 -39.55 -8.22 39.80
N ILE C 104 -38.53 -7.40 39.55
CA ILE C 104 -37.24 -7.92 39.09
C ILE C 104 -36.69 -9.06 39.96
N PRO C 105 -36.61 -8.87 41.26
CA PRO C 105 -36.08 -10.02 42.00
C PRO C 105 -37.01 -11.23 41.92
N ALA C 106 -38.31 -10.97 41.89
CA ALA C 106 -39.29 -12.05 41.80
C ALA C 106 -39.15 -12.75 40.45
N LEU C 107 -38.88 -11.97 39.41
CA LEU C 107 -38.70 -12.50 38.06
C LEU C 107 -37.43 -13.29 37.95
N VAL C 108 -36.39 -12.82 38.60
CA VAL C 108 -35.12 -13.51 38.57
C VAL C 108 -35.34 -14.86 39.22
N LYS C 109 -35.97 -14.88 40.39
CA LYS C 109 -36.26 -16.12 41.09
C LYS C 109 -36.94 -17.10 40.12
N MET C 110 -37.89 -16.59 39.33
CA MET C 110 -38.61 -17.40 38.35
C MET C 110 -37.69 -18.06 37.33
N LEU C 111 -36.51 -17.49 37.12
CA LEU C 111 -35.57 -18.04 36.15
C LEU C 111 -35.13 -19.41 36.63
N GLY C 112 -35.59 -19.77 37.82
CA GLY C 112 -35.26 -21.06 38.40
C GLY C 112 -36.38 -22.07 38.18
N SER C 113 -37.56 -21.59 37.79
CA SER C 113 -38.72 -22.44 37.58
C SER C 113 -38.46 -23.56 36.60
N PRO C 114 -38.97 -24.77 36.88
CA PRO C 114 -38.75 -25.86 35.95
C PRO C 114 -39.74 -25.73 34.80
N VAL C 115 -40.84 -25.05 35.05
CA VAL C 115 -41.90 -24.84 34.06
C VAL C 115 -41.46 -23.95 32.88
N ASP C 116 -41.37 -24.54 31.69
CA ASP C 116 -40.94 -23.79 30.51
C ASP C 116 -41.70 -22.48 30.23
N SER C 117 -43.02 -22.50 30.34
CA SER C 117 -43.81 -21.29 30.08
C SER C 117 -43.39 -20.13 30.98
N VAL C 118 -43.10 -20.45 32.23
CA VAL C 118 -42.69 -19.46 33.21
C VAL C 118 -41.34 -18.86 32.82
N LEU C 119 -40.43 -19.71 32.38
CA LEU C 119 -39.11 -19.25 31.97
C LEU C 119 -39.22 -18.28 30.80
N PHE C 120 -39.98 -18.65 29.78
CA PHE C 120 -40.12 -17.76 28.63
C PHE C 120 -40.69 -16.43 29.08
N TYR C 121 -41.82 -16.46 29.78
CA TYR C 121 -42.44 -15.24 30.28
C TYR C 121 -41.39 -14.41 31.04
N ALA C 122 -40.82 -15.01 32.08
CA ALA C 122 -39.83 -14.38 32.93
C ALA C 122 -38.69 -13.74 32.14
N ILE C 123 -37.93 -14.55 31.40
CA ILE C 123 -36.82 -14.02 30.63
C ILE C 123 -37.26 -12.91 29.68
N THR C 124 -38.38 -13.09 28.97
CA THR C 124 -38.86 -12.07 28.04
C THR C 124 -39.11 -10.73 28.76
N THR C 125 -39.77 -10.81 29.91
CA THR C 125 -40.08 -9.62 30.70
C THR C 125 -38.77 -8.93 31.09
N LEU C 126 -37.88 -9.67 31.74
CA LEU C 126 -36.60 -9.07 32.14
C LEU C 126 -35.93 -8.39 30.94
N HIS C 127 -36.04 -9.01 29.77
CA HIS C 127 -35.44 -8.46 28.57
C HIS C 127 -36.05 -7.11 28.24
N ASN C 128 -37.37 -7.02 28.33
CA ASN C 128 -38.05 -5.76 28.06
C ASN C 128 -37.63 -4.73 29.10
N LEU C 129 -37.51 -5.16 30.34
CA LEU C 129 -37.06 -4.28 31.40
C LEU C 129 -35.62 -3.85 31.11
N LEU C 130 -34.74 -4.81 30.88
CA LEU C 130 -33.34 -4.47 30.59
C LEU C 130 -33.20 -3.50 29.44
N LEU C 131 -34.12 -3.54 28.50
CA LEU C 131 -34.07 -2.66 27.36
C LEU C 131 -34.70 -1.29 27.52
N HIS C 132 -35.72 -1.17 28.35
CA HIS C 132 -36.39 0.12 28.45
C HIS C 132 -36.66 0.74 29.80
N GLN C 133 -36.33 0.05 30.88
CA GLN C 133 -36.58 0.59 32.21
C GLN C 133 -35.28 0.91 32.95
N GLU C 134 -35.12 2.18 33.29
CA GLU C 134 -33.93 2.65 33.98
C GLU C 134 -33.80 2.03 35.36
N GLY C 135 -32.67 1.38 35.61
CA GLY C 135 -32.43 0.75 36.89
C GLY C 135 -32.41 -0.77 36.78
N ALA C 136 -33.10 -1.28 35.77
CA ALA C 136 -33.19 -2.73 35.56
C ALA C 136 -31.84 -3.44 35.55
N LYS C 137 -30.89 -2.97 34.73
CA LYS C 137 -29.58 -3.60 34.66
C LYS C 137 -28.99 -3.80 36.05
N MET C 138 -28.93 -2.73 36.82
CA MET C 138 -28.35 -2.82 38.16
C MET C 138 -29.16 -3.71 39.08
N ALA C 139 -30.49 -3.62 38.99
CA ALA C 139 -31.35 -4.43 39.84
C ALA C 139 -31.20 -5.92 39.52
N VAL C 140 -31.27 -6.25 38.24
CA VAL C 140 -31.12 -7.64 37.81
C VAL C 140 -29.76 -8.15 38.25
N ARG C 141 -28.75 -7.32 38.03
CA ARG C 141 -27.39 -7.67 38.39
C ARG C 141 -27.36 -7.96 39.88
N LEU C 142 -27.80 -6.99 40.67
CA LEU C 142 -27.81 -7.13 42.11
C LEU C 142 -28.64 -8.29 42.61
N ALA C 143 -29.62 -8.70 41.82
CA ALA C 143 -30.51 -9.79 42.21
C ALA C 143 -29.95 -11.18 41.92
N GLY C 144 -28.77 -11.24 41.30
CA GLY C 144 -28.17 -12.53 41.00
C GLY C 144 -28.68 -13.11 39.69
N GLY C 145 -29.21 -12.24 38.84
CA GLY C 145 -29.73 -12.67 37.55
C GLY C 145 -28.69 -13.34 36.67
N LEU C 146 -27.51 -12.73 36.57
CA LEU C 146 -26.39 -13.24 35.75
C LEU C 146 -26.19 -14.73 35.92
N GLN C 147 -26.03 -15.16 37.17
CA GLN C 147 -25.85 -16.56 37.44
C GLN C 147 -27.07 -17.35 36.93
N LYS C 148 -28.27 -16.86 37.23
CA LYS C 148 -29.48 -17.55 36.76
C LYS C 148 -29.51 -17.66 35.23
N MET C 149 -29.23 -16.56 34.55
CA MET C 149 -29.26 -16.55 33.10
C MET C 149 -28.18 -17.43 32.49
N VAL C 150 -26.96 -17.38 33.02
CA VAL C 150 -25.91 -18.22 32.44
C VAL C 150 -26.36 -19.66 32.60
N ALA C 151 -26.88 -19.97 33.78
CA ALA C 151 -27.37 -21.30 34.09
C ALA C 151 -28.36 -21.85 33.05
N LEU C 152 -29.11 -20.97 32.39
CA LEU C 152 -30.08 -21.41 31.40
C LEU C 152 -29.49 -21.68 30.00
N LEU C 153 -28.20 -21.38 29.84
CA LEU C 153 -27.59 -21.56 28.54
C LEU C 153 -27.59 -23.01 28.01
N ASN C 154 -27.99 -23.95 28.86
CA ASN C 154 -28.05 -25.36 28.47
C ASN C 154 -29.39 -25.69 27.84
N LYS C 155 -30.31 -24.73 27.80
CA LYS C 155 -31.62 -24.96 27.20
C LYS C 155 -31.44 -25.05 25.68
N THR C 156 -32.43 -25.57 24.96
CA THR C 156 -32.27 -25.73 23.53
C THR C 156 -33.14 -24.84 22.67
N ASN C 157 -34.15 -24.20 23.27
CA ASN C 157 -35.00 -23.34 22.47
C ASN C 157 -34.17 -22.16 21.92
N VAL C 158 -33.96 -22.13 20.62
CA VAL C 158 -33.14 -21.04 20.07
C VAL C 158 -33.68 -19.64 20.36
N LYS C 159 -35.00 -19.47 20.26
CA LYS C 159 -35.58 -18.16 20.53
C LYS C 159 -35.36 -17.78 21.99
N PHE C 160 -35.62 -18.74 22.87
CA PHE C 160 -35.42 -18.50 24.26
C PHE C 160 -33.95 -18.16 24.56
N LEU C 161 -33.03 -18.87 23.92
CA LEU C 161 -31.61 -18.63 24.14
C LEU C 161 -31.24 -17.24 23.64
N ALA C 162 -31.73 -16.91 22.44
CA ALA C 162 -31.47 -15.62 21.81
C ALA C 162 -31.75 -14.49 22.80
N ILE C 163 -32.88 -14.56 23.49
CA ILE C 163 -33.24 -13.56 24.46
C ILE C 163 -32.31 -13.63 25.66
N THR C 164 -32.16 -14.81 26.23
CA THR C 164 -31.29 -14.99 27.40
C THR C 164 -29.87 -14.51 27.14
N THR C 165 -29.34 -14.79 25.96
CA THR C 165 -27.99 -14.36 25.68
C THR C 165 -27.93 -12.87 25.45
N ASP C 166 -28.99 -12.28 24.90
CA ASP C 166 -28.95 -10.85 24.68
C ASP C 166 -29.07 -10.13 26.00
N CYS C 167 -29.69 -10.78 27.00
CA CYS C 167 -29.81 -10.18 28.31
C CYS C 167 -28.41 -10.09 28.91
N LEU C 168 -27.63 -11.15 28.72
CA LEU C 168 -26.27 -11.19 29.24
C LEU C 168 -25.43 -10.09 28.60
N GLN C 169 -25.63 -9.87 27.31
CA GLN C 169 -24.88 -8.86 26.60
C GLN C 169 -25.17 -7.50 27.24
N ILE C 170 -26.46 -7.21 27.43
CA ILE C 170 -26.88 -5.97 28.03
C ILE C 170 -26.32 -5.72 29.42
N LEU C 171 -26.23 -6.79 30.21
CA LEU C 171 -25.73 -6.70 31.56
C LEU C 171 -24.20 -6.66 31.61
N ALA C 172 -23.56 -7.42 30.71
CA ALA C 172 -22.10 -7.50 30.70
C ALA C 172 -21.39 -6.30 30.09
N TYR C 173 -22.07 -5.57 29.23
CA TYR C 173 -21.47 -4.43 28.56
C TYR C 173 -20.73 -3.43 29.47
N GLY C 174 -19.44 -3.27 29.22
CA GLY C 174 -18.64 -2.34 30.01
C GLY C 174 -18.82 -2.38 31.52
N ASN C 175 -18.95 -3.58 32.08
CA ASN C 175 -19.13 -3.78 33.52
C ASN C 175 -18.26 -4.96 33.96
N GLN C 176 -17.04 -4.69 34.39
CA GLN C 176 -16.13 -5.77 34.77
C GLN C 176 -16.70 -6.85 35.70
N GLU C 177 -17.29 -6.46 36.84
CA GLU C 177 -17.82 -7.44 37.78
C GLU C 177 -18.79 -8.40 37.10
N SER C 178 -19.71 -7.87 36.31
CA SER C 178 -20.68 -8.71 35.60
C SER C 178 -19.93 -9.75 34.78
N LYS C 179 -19.00 -9.27 33.95
CA LYS C 179 -18.23 -10.16 33.12
C LYS C 179 -17.53 -11.22 33.98
N LEU C 180 -17.02 -10.81 35.14
CA LEU C 180 -16.34 -11.75 36.02
C LEU C 180 -17.28 -12.80 36.59
N ILE C 181 -18.55 -12.43 36.75
CA ILE C 181 -19.58 -13.34 37.26
C ILE C 181 -19.95 -14.32 36.15
N ILE C 182 -20.18 -13.80 34.97
CA ILE C 182 -20.53 -14.65 33.84
C ILE C 182 -19.48 -15.74 33.73
N LEU C 183 -18.22 -15.40 34.00
CA LEU C 183 -17.14 -16.35 33.92
C LEU C 183 -17.20 -17.37 35.06
N ALA C 184 -17.26 -16.86 36.27
CA ALA C 184 -17.31 -17.73 37.43
C ALA C 184 -18.49 -18.69 37.32
N SER C 185 -19.45 -18.37 36.45
CA SER C 185 -20.62 -19.22 36.28
C SER C 185 -20.46 -20.18 35.13
N GLY C 186 -19.33 -20.10 34.45
CA GLY C 186 -19.09 -21.00 33.32
C GLY C 186 -19.64 -20.50 31.99
N GLY C 187 -19.88 -19.20 31.92
CA GLY C 187 -20.43 -18.60 30.72
C GLY C 187 -19.63 -18.87 29.47
N PRO C 188 -18.33 -18.54 29.46
CA PRO C 188 -17.51 -18.76 28.28
C PRO C 188 -17.79 -20.07 27.58
N GLN C 189 -17.60 -21.20 28.26
CA GLN C 189 -17.82 -22.49 27.61
C GLN C 189 -19.24 -22.62 27.04
N ALA C 190 -20.24 -22.36 27.88
CA ALA C 190 -21.63 -22.44 27.44
C ALA C 190 -21.89 -21.63 26.18
N LEU C 191 -21.29 -20.44 26.11
CA LEU C 191 -21.45 -19.58 24.96
C LEU C 191 -20.80 -20.18 23.71
N VAL C 192 -19.54 -20.58 23.81
CA VAL C 192 -18.86 -21.19 22.66
C VAL C 192 -19.65 -22.39 22.19
N ASN C 193 -20.17 -23.17 23.13
CA ASN C 193 -20.96 -24.33 22.74
C ASN C 193 -22.11 -23.88 21.84
N ILE C 194 -22.86 -22.87 22.27
CA ILE C 194 -23.96 -22.35 21.47
C ILE C 194 -23.46 -21.97 20.08
N MET C 195 -22.29 -21.34 20.00
CA MET C 195 -21.74 -20.93 18.71
C MET C 195 -21.46 -22.11 17.78
N ARG C 196 -21.12 -23.26 18.33
CA ARG C 196 -20.85 -24.37 17.45
C ARG C 196 -21.92 -25.44 17.40
N THR C 197 -23.10 -25.13 17.91
CA THR C 197 -24.17 -26.12 17.92
C THR C 197 -25.41 -25.73 17.13
N TYR C 198 -25.80 -24.45 17.20
CA TYR C 198 -27.01 -23.98 16.54
C TYR C 198 -26.82 -23.25 15.22
N THR C 199 -27.93 -23.08 14.50
CA THR C 199 -27.90 -22.43 13.20
C THR C 199 -28.88 -21.27 13.07
N TYR C 200 -29.47 -20.84 14.18
CA TYR C 200 -30.43 -19.73 14.20
C TYR C 200 -29.59 -18.46 14.15
N GLU C 201 -29.81 -17.65 13.12
CA GLU C 201 -29.00 -16.43 12.97
C GLU C 201 -29.10 -15.49 14.14
N LYS C 202 -30.31 -15.17 14.58
CA LYS C 202 -30.44 -14.26 15.71
C LYS C 202 -29.66 -14.74 16.92
N LEU C 203 -29.70 -16.05 17.20
CA LEU C 203 -28.99 -16.58 18.36
C LEU C 203 -27.49 -16.50 18.16
N LEU C 204 -27.03 -16.86 16.98
CA LEU C 204 -25.61 -16.80 16.72
C LEU C 204 -25.12 -15.38 16.91
N TRP C 205 -25.85 -14.45 16.33
CA TRP C 205 -25.48 -13.04 16.40
C TRP C 205 -25.41 -12.58 17.86
N THR C 206 -26.55 -12.67 18.51
CA THR C 206 -26.71 -12.33 19.91
C THR C 206 -25.53 -12.92 20.70
N THR C 207 -25.35 -14.23 20.57
CA THR C 207 -24.25 -14.91 21.26
C THR C 207 -22.89 -14.29 20.93
N SER C 208 -22.61 -14.07 19.64
CA SER C 208 -21.33 -13.49 19.22
C SER C 208 -21.08 -12.16 19.93
N ARG C 209 -22.14 -11.45 20.26
CA ARG C 209 -22.00 -10.16 20.93
C ARG C 209 -21.61 -10.31 22.40
N VAL C 210 -22.19 -11.25 23.11
CA VAL C 210 -21.81 -11.43 24.50
C VAL C 210 -20.33 -11.78 24.44
N LEU C 211 -19.97 -12.67 23.51
CA LEU C 211 -18.57 -13.05 23.37
C LEU C 211 -17.72 -11.82 23.14
N LYS C 212 -18.16 -10.95 22.23
CA LYS C 212 -17.41 -9.71 21.95
C LYS C 212 -17.18 -8.90 23.23
N VAL C 213 -18.26 -8.66 23.97
CA VAL C 213 -18.18 -7.91 25.23
C VAL C 213 -17.31 -8.67 26.23
N LEU C 214 -17.30 -10.00 26.12
CA LEU C 214 -16.50 -10.83 27.01
C LEU C 214 -15.05 -10.93 26.59
N SER C 215 -14.80 -10.77 25.30
CA SER C 215 -13.45 -10.88 24.78
C SER C 215 -12.48 -9.78 25.21
N VAL C 216 -13.00 -8.64 25.64
CA VAL C 216 -12.12 -7.56 26.06
C VAL C 216 -11.63 -7.74 27.49
N CYS C 217 -12.00 -8.86 28.11
CA CYS C 217 -11.63 -9.13 29.49
C CYS C 217 -10.41 -10.02 29.61
N SER C 218 -9.42 -9.55 30.37
CA SER C 218 -8.18 -10.31 30.59
C SER C 218 -8.45 -11.72 31.15
N SER C 219 -9.54 -11.84 31.92
CA SER C 219 -9.93 -13.11 32.54
C SER C 219 -10.73 -14.04 31.65
N ASN C 220 -11.73 -13.49 30.95
CA ASN C 220 -12.56 -14.30 30.07
C ASN C 220 -11.82 -14.69 28.79
N LYS C 221 -11.00 -13.78 28.29
CA LYS C 221 -10.23 -14.01 27.08
C LYS C 221 -9.62 -15.42 27.05
N PRO C 222 -8.73 -15.73 28.00
CA PRO C 222 -8.10 -17.05 28.02
C PRO C 222 -9.10 -18.19 28.03
N ALA C 223 -10.20 -18.00 28.77
CA ALA C 223 -11.24 -19.02 28.86
C ALA C 223 -11.91 -19.27 27.51
N ILE C 224 -12.39 -18.22 26.88
CA ILE C 224 -13.04 -18.35 25.59
C ILE C 224 -12.12 -19.09 24.63
N VAL C 225 -10.83 -18.81 24.69
CA VAL C 225 -9.89 -19.48 23.81
C VAL C 225 -9.78 -20.96 24.13
N GLU C 226 -9.59 -21.30 25.40
CA GLU C 226 -9.48 -22.71 25.78
C GLU C 226 -10.79 -23.44 25.47
N ALA C 227 -11.91 -22.73 25.53
CA ALA C 227 -13.21 -23.33 25.25
C ALA C 227 -13.24 -23.82 23.81
N GLY C 228 -12.57 -23.07 22.94
CA GLY C 228 -12.53 -23.40 21.52
C GLY C 228 -13.11 -22.26 20.73
N GLY C 229 -13.12 -21.08 21.35
CA GLY C 229 -13.67 -19.88 20.73
C GLY C 229 -13.21 -19.56 19.34
N MET C 230 -11.89 -19.42 19.17
CA MET C 230 -11.32 -19.10 17.87
C MET C 230 -11.87 -20.00 16.78
N GLN C 231 -11.70 -21.31 16.96
CA GLN C 231 -12.17 -22.28 15.98
C GLN C 231 -13.65 -22.06 15.77
N ALA C 232 -14.35 -21.93 16.88
CA ALA C 232 -15.81 -21.74 16.90
C ALA C 232 -16.26 -20.54 16.09
N LEU C 233 -15.73 -19.37 16.43
CA LEU C 233 -16.08 -18.15 15.74
C LEU C 233 -15.66 -18.23 14.27
N GLY C 234 -14.57 -18.94 13.99
CA GLY C 234 -14.11 -19.07 12.62
C GLY C 234 -15.16 -19.70 11.72
N LEU C 235 -15.99 -20.57 12.30
CA LEU C 235 -17.03 -21.27 11.55
C LEU C 235 -18.04 -20.40 10.82
N HIS C 236 -18.24 -19.18 11.29
CA HIS C 236 -19.23 -18.31 10.67
C HIS C 236 -18.72 -17.19 9.79
N LEU C 237 -17.40 -17.05 9.70
CA LEU C 237 -16.83 -15.98 8.89
C LEU C 237 -17.37 -15.81 7.49
N THR C 238 -17.98 -16.85 6.93
CA THR C 238 -18.52 -16.75 5.57
C THR C 238 -20.04 -16.76 5.56
N ASP C 239 -20.65 -16.57 6.72
CA ASP C 239 -22.09 -16.55 6.81
C ASP C 239 -22.61 -15.37 6.05
N PRO C 240 -23.78 -15.49 5.42
CA PRO C 240 -24.33 -14.36 4.68
C PRO C 240 -24.66 -13.17 5.58
N SER C 241 -24.90 -13.43 6.87
CA SER C 241 -25.23 -12.36 7.81
C SER C 241 -24.02 -11.49 8.10
N GLN C 242 -23.96 -10.31 7.50
CA GLN C 242 -22.78 -9.48 7.75
C GLN C 242 -22.61 -9.07 9.19
N ARG C 243 -23.71 -8.96 9.93
CA ARG C 243 -23.60 -8.58 11.32
C ARG C 243 -23.03 -9.72 12.15
N LEU C 244 -23.29 -10.95 11.74
CA LEU C 244 -22.73 -12.07 12.48
C LEU C 244 -21.25 -12.05 12.21
N VAL C 245 -20.90 -11.95 10.93
CA VAL C 245 -19.49 -11.95 10.56
C VAL C 245 -18.66 -10.87 11.20
N GLN C 246 -19.13 -9.63 11.16
CA GLN C 246 -18.35 -8.55 11.74
C GLN C 246 -18.11 -8.78 13.23
N ASN C 247 -19.14 -9.25 13.92
CA ASN C 247 -19.02 -9.50 15.36
C ASN C 247 -18.04 -10.62 15.67
N CYS C 248 -18.03 -11.66 14.85
CA CYS C 248 -17.12 -12.76 15.09
C CYS C 248 -15.74 -12.19 14.84
N LEU C 249 -15.60 -11.42 13.77
CA LEU C 249 -14.31 -10.80 13.45
C LEU C 249 -13.76 -9.97 14.62
N TRP C 250 -14.60 -9.13 15.23
CA TRP C 250 -14.16 -8.31 16.37
C TRP C 250 -13.72 -9.19 17.52
N THR C 251 -14.54 -10.18 17.83
CA THR C 251 -14.23 -11.07 18.92
C THR C 251 -12.94 -11.82 18.63
N LEU C 252 -12.85 -12.41 17.45
CA LEU C 252 -11.64 -13.13 17.09
C LEU C 252 -10.42 -12.25 17.31
N ARG C 253 -10.49 -11.01 16.82
CA ARG C 253 -9.39 -10.09 16.96
C ARG C 253 -9.04 -9.86 18.43
N ASN C 254 -10.03 -9.61 19.26
CA ASN C 254 -9.74 -9.38 20.67
C ASN C 254 -9.07 -10.57 21.35
N LEU C 255 -9.50 -11.78 20.98
CA LEU C 255 -8.98 -13.02 21.55
C LEU C 255 -7.63 -13.39 20.94
N SER C 256 -7.44 -12.97 19.70
CA SER C 256 -6.24 -13.25 18.92
C SER C 256 -4.92 -13.32 19.67
N ASP C 257 -4.64 -12.33 20.51
CA ASP C 257 -3.35 -12.31 21.22
C ASP C 257 -3.18 -13.47 22.18
N ALA C 258 -4.28 -14.10 22.57
CA ALA C 258 -4.21 -15.23 23.49
C ALA C 258 -4.28 -16.60 22.81
N ALA C 259 -4.50 -16.63 21.50
CA ALA C 259 -4.64 -17.89 20.77
C ALA C 259 -3.37 -18.38 20.05
N THR C 260 -2.26 -17.72 20.32
CA THR C 260 -1.00 -18.05 19.67
C THR C 260 -0.47 -19.46 19.87
N LYS C 261 -1.26 -20.32 20.50
CA LYS C 261 -0.85 -21.70 20.72
C LYS C 261 -1.98 -22.68 20.41
N GLN C 262 -3.12 -22.15 19.96
CA GLN C 262 -4.26 -22.98 19.60
C GLN C 262 -3.95 -23.69 18.33
N GLU C 263 -4.59 -24.84 18.13
CA GLU C 263 -4.38 -25.64 16.93
C GLU C 263 -5.69 -25.85 16.16
N GLY C 264 -5.60 -26.37 14.95
CA GLY C 264 -6.82 -26.55 14.16
C GLY C 264 -7.24 -25.20 13.64
N MET C 265 -6.29 -24.28 13.58
CA MET C 265 -6.49 -22.91 13.10
C MET C 265 -6.40 -22.81 11.59
N GLU C 266 -6.34 -23.95 10.91
CA GLU C 266 -6.21 -23.96 9.46
C GLU C 266 -7.47 -23.46 8.77
N GLY C 267 -8.62 -23.83 9.31
CA GLY C 267 -9.87 -23.39 8.72
C GLY C 267 -9.91 -21.88 8.81
N LEU C 268 -9.69 -21.38 10.04
CA LEU C 268 -9.69 -19.96 10.32
C LEU C 268 -8.69 -19.23 9.42
N LEU C 269 -7.41 -19.51 9.64
CA LEU C 269 -6.33 -18.89 8.87
C LEU C 269 -6.61 -18.78 7.39
N GLY C 270 -7.22 -19.82 6.82
CA GLY C 270 -7.53 -19.76 5.42
C GLY C 270 -8.49 -18.62 5.12
N THR C 271 -9.70 -18.71 5.66
CA THR C 271 -10.74 -17.69 5.48
C THR C 271 -10.24 -16.27 5.73
N LEU C 272 -9.55 -16.06 6.86
CA LEU C 272 -9.03 -14.74 7.18
C LEU C 272 -8.26 -14.19 5.98
N VAL C 273 -7.33 -14.98 5.45
CA VAL C 273 -6.53 -14.57 4.31
C VAL C 273 -7.49 -14.16 3.20
N GLN C 274 -8.50 -14.99 2.99
CA GLN C 274 -9.51 -14.71 1.99
C GLN C 274 -10.16 -13.36 2.30
N LEU C 275 -10.66 -13.22 3.54
CA LEU C 275 -11.32 -11.98 3.97
C LEU C 275 -10.53 -10.71 3.73
N LEU C 276 -9.21 -10.83 3.62
CA LEU C 276 -8.40 -9.66 3.36
C LEU C 276 -8.84 -9.02 2.05
N GLY C 277 -9.46 -9.81 1.19
CA GLY C 277 -9.91 -9.29 -0.09
C GLY C 277 -11.23 -8.54 -0.04
N SER C 278 -11.95 -8.68 1.07
CA SER C 278 -13.24 -8.01 1.24
C SER C 278 -13.21 -6.55 0.79
N ASP C 279 -14.35 -6.08 0.29
CA ASP C 279 -14.49 -4.70 -0.17
C ASP C 279 -14.70 -3.81 1.03
N ASP C 280 -14.88 -4.46 2.18
CA ASP C 280 -15.08 -3.75 3.44
C ASP C 280 -13.74 -3.58 4.15
N ILE C 281 -13.30 -2.34 4.30
CA ILE C 281 -12.04 -2.06 4.95
C ILE C 281 -11.96 -2.58 6.40
N ASN C 282 -13.08 -2.51 7.11
CA ASN C 282 -13.17 -2.95 8.51
C ASN C 282 -13.03 -4.47 8.61
N VAL C 283 -13.48 -5.17 7.58
CA VAL C 283 -13.35 -6.62 7.57
C VAL C 283 -11.86 -6.84 7.38
N VAL C 284 -11.27 -6.17 6.40
CA VAL C 284 -9.84 -6.30 6.16
C VAL C 284 -9.06 -5.94 7.42
N THR C 285 -9.24 -4.74 7.92
CA THR C 285 -8.51 -4.34 9.12
C THR C 285 -8.55 -5.40 10.21
N CYS C 286 -9.71 -6.01 10.43
CA CYS C 286 -9.81 -7.03 11.46
C CYS C 286 -9.00 -8.23 11.08
N ALA C 287 -9.26 -8.76 9.90
CA ALA C 287 -8.54 -9.91 9.41
C ALA C 287 -7.04 -9.65 9.55
N ALA C 288 -6.62 -8.46 9.12
CA ALA C 288 -5.23 -8.08 9.20
C ALA C 288 -4.72 -8.23 10.64
N GLY C 289 -5.43 -7.61 11.58
CA GLY C 289 -5.02 -7.70 12.96
C GLY C 289 -4.99 -9.12 13.47
N ILE C 290 -6.01 -9.91 13.16
CA ILE C 290 -6.05 -11.29 13.62
C ILE C 290 -4.86 -12.05 13.07
N LEU C 291 -4.56 -11.84 11.80
CA LEU C 291 -3.46 -12.52 11.16
C LEU C 291 -2.16 -12.12 11.83
N SER C 292 -2.00 -10.83 12.10
CA SER C 292 -0.79 -10.35 12.75
C SER C 292 -0.51 -11.19 14.00
N ASN C 293 -1.45 -11.21 14.92
CA ASN C 293 -1.27 -11.96 16.16
C ASN C 293 -1.14 -13.46 16.03
N LEU C 294 -1.95 -14.08 15.17
CA LEU C 294 -1.89 -15.53 15.03
C LEU C 294 -0.61 -16.02 14.38
N THR C 295 0.09 -15.15 13.68
CA THR C 295 1.33 -15.57 13.06
C THR C 295 2.49 -15.21 13.97
N CYS C 296 2.19 -14.86 15.20
CA CYS C 296 3.23 -14.48 16.15
C CYS C 296 3.84 -15.67 16.86
N ASN C 297 5.08 -15.99 16.49
CA ASN C 297 5.79 -17.07 17.13
C ASN C 297 5.13 -18.44 16.97
N ASN C 298 4.46 -18.69 15.85
CA ASN C 298 3.82 -19.99 15.63
C ASN C 298 4.13 -20.41 14.20
N TYR C 299 5.31 -21.02 14.00
CA TYR C 299 5.75 -21.45 12.68
C TYR C 299 4.69 -22.22 11.92
N LYS C 300 3.83 -22.93 12.64
CA LYS C 300 2.79 -23.69 11.97
C LYS C 300 1.80 -22.78 11.25
N ASN C 301 1.29 -21.78 11.96
CA ASN C 301 0.35 -20.85 11.37
C ASN C 301 1.03 -20.06 10.25
N LYS C 302 2.25 -19.61 10.51
CA LYS C 302 3.01 -18.86 9.50
C LYS C 302 2.99 -19.66 8.22
N MET C 303 3.34 -20.94 8.34
CA MET C 303 3.36 -21.86 7.20
C MET C 303 2.05 -21.78 6.41
N MET C 304 0.96 -22.08 7.10
CA MET C 304 -0.37 -22.08 6.51
C MET C 304 -0.69 -20.79 5.77
N VAL C 305 -0.60 -19.65 6.46
CA VAL C 305 -0.89 -18.37 5.85
C VAL C 305 -0.18 -18.18 4.52
N CYS C 306 1.07 -18.61 4.45
CA CYS C 306 1.82 -18.48 3.20
C CYS C 306 1.25 -19.40 2.13
N GLN C 307 1.10 -20.67 2.47
CA GLN C 307 0.55 -21.67 1.55
C GLN C 307 -0.72 -21.22 0.84
N VAL C 308 -1.54 -20.40 1.50
CA VAL C 308 -2.79 -19.96 0.90
C VAL C 308 -2.70 -18.59 0.27
N GLY C 309 -1.48 -18.09 0.09
CA GLY C 309 -1.33 -16.80 -0.56
C GLY C 309 -1.45 -15.56 0.30
N GLY C 310 -1.17 -15.70 1.59
CA GLY C 310 -1.26 -14.55 2.46
C GLY C 310 -0.33 -13.43 2.09
N ILE C 311 0.86 -13.76 1.61
CA ILE C 311 1.84 -12.74 1.26
C ILE C 311 1.28 -11.72 0.30
N GLU C 312 0.71 -12.20 -0.80
CA GLU C 312 0.14 -11.28 -1.78
C GLU C 312 -1.02 -10.51 -1.15
N ALA C 313 -1.91 -11.23 -0.49
CA ALA C 313 -3.06 -10.61 0.16
C ALA C 313 -2.65 -9.52 1.15
N LEU C 314 -1.62 -9.77 1.95
CA LEU C 314 -1.17 -8.77 2.92
C LEU C 314 -0.51 -7.57 2.23
N VAL C 315 0.37 -7.85 1.27
CA VAL C 315 1.05 -6.78 0.55
C VAL C 315 -0.01 -5.87 -0.06
N ARG C 316 -0.97 -6.48 -0.76
CA ARG C 316 -2.03 -5.72 -1.38
C ARG C 316 -2.80 -4.95 -0.31
N THR C 317 -2.93 -5.53 0.89
CA THR C 317 -3.62 -4.86 2.00
C THR C 317 -2.92 -3.55 2.29
N VAL C 318 -1.61 -3.61 2.40
CA VAL C 318 -0.81 -2.43 2.65
C VAL C 318 -1.01 -1.41 1.53
N LEU C 319 -0.95 -1.88 0.30
CA LEU C 319 -1.13 -0.98 -0.82
C LEU C 319 -2.48 -0.28 -0.72
N ARG C 320 -3.55 -1.03 -0.48
CA ARG C 320 -4.89 -0.43 -0.37
C ARG C 320 -4.93 0.57 0.78
N ALA C 321 -4.36 0.15 1.91
CA ALA C 321 -4.33 0.96 3.11
C ALA C 321 -3.79 2.38 2.95
N GLY C 322 -2.70 2.56 2.22
CA GLY C 322 -2.13 3.89 2.08
C GLY C 322 -1.71 4.49 3.42
N ASP C 323 -2.24 5.66 3.75
CA ASP C 323 -1.91 6.37 5.00
C ASP C 323 -2.57 5.84 6.27
N ARG C 324 -3.54 4.93 6.13
CA ARG C 324 -4.26 4.38 7.29
C ARG C 324 -3.41 3.41 8.11
N GLU C 325 -2.71 3.97 9.10
CA GLU C 325 -1.82 3.20 9.95
C GLU C 325 -2.49 2.08 10.76
N ASP C 326 -3.79 2.24 11.02
CA ASP C 326 -4.54 1.23 11.76
C ASP C 326 -4.63 -0.04 10.92
N ILE C 327 -4.35 0.10 9.64
CA ILE C 327 -4.41 -1.03 8.72
C ILE C 327 -3.00 -1.51 8.39
N THR C 328 -2.10 -0.58 8.08
CA THR C 328 -0.73 -0.93 7.72
C THR C 328 0.03 -1.63 8.84
N GLU C 329 -0.03 -1.10 10.06
CA GLU C 329 0.71 -1.73 11.16
C GLU C 329 0.48 -3.24 11.30
N PRO C 330 -0.77 -3.66 11.57
CA PRO C 330 -0.98 -5.09 11.71
C PRO C 330 -0.57 -5.83 10.43
N ALA C 331 -0.89 -5.22 9.29
CA ALA C 331 -0.56 -5.83 8.02
C ALA C 331 0.93 -6.01 7.90
N ILE C 332 1.68 -4.95 8.21
CA ILE C 332 3.15 -4.99 8.15
C ILE C 332 3.71 -6.00 9.13
N CYS C 333 3.21 -6.01 10.36
CA CYS C 333 3.69 -6.97 11.36
C CYS C 333 3.42 -8.39 10.87
N ALA C 334 2.30 -8.60 10.22
CA ALA C 334 1.98 -9.92 9.70
C ALA C 334 3.07 -10.32 8.70
N LEU C 335 3.46 -9.39 7.83
CA LEU C 335 4.48 -9.68 6.85
C LEU C 335 5.80 -9.95 7.54
N ARG C 336 6.09 -9.20 8.60
CA ARG C 336 7.34 -9.40 9.31
C ARG C 336 7.40 -10.84 9.84
N HIS C 337 6.39 -11.23 10.61
CA HIS C 337 6.32 -12.58 11.18
C HIS C 337 6.41 -13.64 10.06
N LEU C 338 5.69 -13.42 8.99
CA LEU C 338 5.66 -14.36 7.89
C LEU C 338 6.99 -14.47 7.16
N THR C 339 7.89 -13.51 7.36
CA THR C 339 9.17 -13.58 6.64
C THR C 339 10.39 -14.00 7.44
N SER C 340 10.20 -14.88 8.43
CA SER C 340 11.32 -15.39 9.24
C SER C 340 10.89 -16.65 10.00
N ARG C 341 11.85 -17.22 10.71
CA ARG C 341 11.67 -18.43 11.52
C ARG C 341 10.66 -19.49 11.05
N HIS C 342 10.77 -19.92 9.79
CA HIS C 342 9.91 -20.97 9.27
C HIS C 342 10.33 -21.35 7.85
N GLN C 343 10.20 -22.63 7.48
CA GLN C 343 10.61 -23.11 6.17
C GLN C 343 10.36 -22.15 5.02
N GLU C 344 9.09 -21.83 4.77
CA GLU C 344 8.74 -20.93 3.66
C GLU C 344 9.09 -19.44 3.85
N ALA C 345 9.80 -19.11 4.92
CA ALA C 345 10.18 -17.72 5.19
C ALA C 345 11.10 -17.18 4.11
N GLU C 346 11.87 -18.06 3.49
CA GLU C 346 12.77 -17.63 2.44
C GLU C 346 11.89 -17.15 1.29
N MET C 347 11.00 -18.04 0.84
CA MET C 347 10.08 -17.74 -0.24
C MET C 347 9.26 -16.50 0.03
N ALA C 348 8.92 -16.27 1.31
CA ALA C 348 8.13 -15.11 1.70
C ALA C 348 8.91 -13.84 1.38
N GLN C 349 10.16 -13.80 1.81
CA GLN C 349 10.99 -12.64 1.57
C GLN C 349 10.99 -12.29 0.08
N ASN C 350 10.91 -13.31 -0.78
CA ASN C 350 10.88 -13.08 -2.22
C ASN C 350 9.53 -12.57 -2.67
N ALA C 351 8.48 -13.30 -2.32
CA ALA C 351 7.13 -12.94 -2.69
C ALA C 351 6.86 -11.44 -2.45
N VAL C 352 7.18 -10.93 -1.26
CA VAL C 352 6.93 -9.52 -1.00
C VAL C 352 7.45 -8.67 -2.13
N ARG C 353 8.71 -8.89 -2.51
CA ARG C 353 9.31 -8.14 -3.60
C ARG C 353 8.55 -8.44 -4.87
N LEU C 354 8.33 -9.73 -5.12
CA LEU C 354 7.61 -10.19 -6.31
C LEU C 354 6.23 -9.61 -6.52
N HIS C 355 5.64 -9.03 -5.47
CA HIS C 355 4.33 -8.43 -5.60
C HIS C 355 4.39 -6.93 -5.38
N TYR C 356 5.58 -6.39 -5.62
CA TYR C 356 5.86 -4.97 -5.50
C TYR C 356 5.61 -4.44 -4.10
N GLY C 357 6.03 -5.20 -3.10
CA GLY C 357 5.85 -4.77 -1.74
C GLY C 357 6.93 -3.80 -1.30
N LEU C 358 8.16 -4.08 -1.74
CA LEU C 358 9.30 -3.25 -1.36
C LEU C 358 9.07 -1.75 -1.51
N PRO C 359 8.70 -1.28 -2.71
CA PRO C 359 8.48 0.17 -2.88
C PRO C 359 7.66 0.80 -1.76
N VAL C 360 6.46 0.25 -1.54
CA VAL C 360 5.60 0.79 -0.51
C VAL C 360 6.16 0.52 0.87
N VAL C 361 6.72 -0.66 1.10
CA VAL C 361 7.28 -0.96 2.41
C VAL C 361 8.23 0.14 2.81
N VAL C 362 9.24 0.36 1.98
CA VAL C 362 10.24 1.38 2.25
C VAL C 362 9.55 2.72 2.51
N LYS C 363 8.62 3.08 1.63
CA LYS C 363 7.90 4.34 1.76
C LYS C 363 7.31 4.55 3.13
N LEU C 364 6.83 3.47 3.73
CA LEU C 364 6.23 3.58 5.05
C LEU C 364 7.22 4.03 6.12
N LEU C 365 8.51 4.04 5.78
CA LEU C 365 9.52 4.48 6.74
C LEU C 365 9.45 5.99 6.91
N HIS C 366 9.10 6.68 5.84
CA HIS C 366 8.99 8.13 5.86
C HIS C 366 7.64 8.59 6.40
N PRO C 367 7.58 9.84 6.90
CA PRO C 367 6.35 10.44 7.43
C PRO C 367 5.30 10.48 6.34
N PRO C 368 4.02 10.63 6.71
CA PRO C 368 3.41 10.77 8.03
C PRO C 368 3.54 9.58 8.99
N SER C 369 4.09 8.46 8.54
CA SER C 369 4.22 7.29 9.40
C SER C 369 4.64 7.59 10.85
N HIS C 370 4.13 6.82 11.79
CA HIS C 370 4.44 7.00 13.20
C HIS C 370 5.40 5.93 13.74
N TRP C 371 5.94 6.17 14.93
CA TRP C 371 6.89 5.25 15.52
C TRP C 371 6.42 3.81 15.61
N PRO C 372 5.21 3.58 16.12
CA PRO C 372 4.75 2.20 16.21
C PRO C 372 4.83 1.49 14.85
N LEU C 373 4.51 2.23 13.78
CA LEU C 373 4.56 1.70 12.41
C LEU C 373 6.00 1.60 11.89
N ILE C 374 6.81 2.62 12.15
CA ILE C 374 8.21 2.58 11.71
C ILE C 374 8.89 1.39 12.36
N LYS C 375 8.71 1.24 13.66
CA LYS C 375 9.32 0.13 14.37
C LYS C 375 8.98 -1.17 13.65
N ALA C 376 7.72 -1.28 13.24
CA ALA C 376 7.27 -2.48 12.54
C ALA C 376 7.94 -2.55 11.18
N THR C 377 7.74 -1.51 10.39
CA THR C 377 8.33 -1.45 9.07
C THR C 377 9.81 -1.82 9.10
N VAL C 378 10.55 -1.23 10.02
CA VAL C 378 11.98 -1.51 10.13
C VAL C 378 12.23 -3.01 10.26
N GLY C 379 11.52 -3.63 11.18
CA GLY C 379 11.68 -5.06 11.38
C GLY C 379 11.42 -5.82 10.11
N LEU C 380 10.38 -5.41 9.36
CA LEU C 380 10.04 -6.08 8.11
C LEU C 380 11.16 -5.92 7.11
N ILE C 381 11.71 -4.71 7.05
CA ILE C 381 12.79 -4.48 6.11
C ILE C 381 13.95 -5.42 6.42
N ARG C 382 14.32 -5.51 7.69
CA ARG C 382 15.41 -6.40 8.05
C ARG C 382 15.18 -7.83 7.56
N ASN C 383 13.97 -8.37 7.78
CA ASN C 383 13.69 -9.74 7.34
C ASN C 383 13.71 -9.87 5.81
N LEU C 384 13.32 -8.80 5.14
CA LEU C 384 13.30 -8.78 3.68
C LEU C 384 14.71 -8.78 3.16
N ALA C 385 15.64 -8.31 3.98
CA ALA C 385 17.04 -8.24 3.58
C ALA C 385 17.74 -9.58 3.68
N LEU C 386 17.19 -10.52 4.42
CA LEU C 386 17.82 -11.84 4.52
C LEU C 386 17.89 -12.47 3.13
N CYS C 387 17.10 -11.93 2.21
CA CYS C 387 17.07 -12.42 0.84
C CYS C 387 18.01 -11.53 0.04
N PRO C 388 19.04 -12.12 -0.57
CA PRO C 388 20.02 -11.37 -1.38
C PRO C 388 19.34 -10.59 -2.50
N ALA C 389 18.38 -11.25 -3.14
CA ALA C 389 17.62 -10.66 -4.24
C ALA C 389 16.97 -9.31 -3.88
N ASN C 390 16.84 -9.03 -2.59
CA ASN C 390 16.22 -7.77 -2.15
C ASN C 390 17.23 -6.68 -1.82
N HIS C 391 18.51 -7.04 -1.74
CA HIS C 391 19.55 -6.08 -1.40
C HIS C 391 19.54 -4.86 -2.30
N ALA C 392 19.62 -5.11 -3.60
CA ALA C 392 19.62 -4.01 -4.56
C ALA C 392 18.34 -3.18 -4.45
N PRO C 393 17.17 -3.83 -4.66
CA PRO C 393 15.85 -3.16 -4.60
C PRO C 393 15.66 -2.22 -3.40
N LEU C 394 15.92 -2.73 -2.20
CA LEU C 394 15.79 -1.95 -0.97
C LEU C 394 16.66 -0.70 -1.02
N ARG C 395 17.85 -0.83 -1.61
CA ARG C 395 18.76 0.30 -1.71
C ARG C 395 18.13 1.31 -2.65
N GLU C 396 17.83 0.86 -3.86
CA GLU C 396 17.23 1.70 -4.89
C GLU C 396 16.04 2.48 -4.35
N GLN C 397 15.26 1.86 -3.49
CA GLN C 397 14.09 2.55 -2.94
C GLN C 397 14.46 3.60 -1.90
N GLY C 398 15.71 3.57 -1.43
CA GLY C 398 16.16 4.54 -0.46
C GLY C 398 16.12 4.05 0.95
N ALA C 399 16.02 2.73 1.12
CA ALA C 399 15.96 2.13 2.44
C ALA C 399 17.09 2.61 3.36
N ILE C 400 18.33 2.42 2.90
CA ILE C 400 19.51 2.79 3.68
C ILE C 400 19.51 4.25 4.14
N PRO C 401 19.41 5.20 3.20
CA PRO C 401 19.41 6.61 3.61
C PRO C 401 18.55 6.88 4.84
N ARG C 402 17.24 6.59 4.72
CA ARG C 402 16.28 6.81 5.80
C ARG C 402 16.52 5.98 7.06
N LEU C 403 16.98 4.75 6.90
CA LEU C 403 17.25 3.91 8.07
C LEU C 403 18.23 4.65 8.96
N VAL C 404 19.36 5.02 8.36
CA VAL C 404 20.40 5.73 9.08
C VAL C 404 19.82 7.01 9.67
N GLN C 405 19.07 7.75 8.87
CA GLN C 405 18.46 8.99 9.33
C GLN C 405 17.65 8.76 10.62
N LEU C 406 16.95 7.64 10.69
CA LEU C 406 16.17 7.31 11.86
C LEU C 406 17.10 7.00 13.03
N LEU C 407 18.09 6.14 12.78
CA LEU C 407 19.06 5.74 13.79
C LEU C 407 19.69 6.94 14.50
N VAL C 408 19.86 8.04 13.78
CA VAL C 408 20.44 9.27 14.34
C VAL C 408 19.48 9.95 15.29
N ARG C 409 18.30 10.32 14.79
CA ARG C 409 17.32 10.97 15.64
C ARG C 409 17.08 10.07 16.83
N ALA C 410 16.99 8.78 16.56
CA ALA C 410 16.76 7.78 17.59
C ALA C 410 17.86 7.80 18.64
N HIS C 411 19.12 7.85 18.21
CA HIS C 411 20.23 7.85 19.15
C HIS C 411 20.33 9.11 19.98
N GLN C 412 20.27 10.26 19.32
CA GLN C 412 20.36 11.54 20.03
C GLN C 412 19.39 11.62 21.20
N ASP C 413 18.39 10.75 21.21
CA ASP C 413 17.40 10.73 22.27
C ASP C 413 17.72 9.73 23.38
N THR C 414 18.54 8.73 23.08
CA THR C 414 18.92 7.76 24.11
C THR C 414 20.07 8.41 24.86
N GLN C 415 19.97 9.72 25.03
CA GLN C 415 20.98 10.52 25.72
C GLN C 415 20.24 11.54 26.59
N ARG C 416 19.69 12.56 25.95
CA ARG C 416 18.95 13.60 26.65
C ARG C 416 17.66 13.05 27.27
N PHE C 427 9.95 7.18 25.85
CA PHE C 427 8.84 6.50 25.18
C PHE C 427 7.96 7.48 24.41
N VAL C 428 8.43 7.92 23.24
CA VAL C 428 7.69 8.85 22.39
C VAL C 428 6.77 8.06 21.46
N GLU C 429 5.54 8.55 21.31
CA GLU C 429 4.53 7.89 20.48
C GLU C 429 4.37 6.41 20.87
N GLY C 430 4.70 6.11 22.12
CA GLY C 430 4.58 4.75 22.63
C GLY C 430 5.83 3.90 22.56
N VAL C 431 6.61 4.08 21.50
CA VAL C 431 7.83 3.31 21.28
C VAL C 431 9.05 3.91 21.97
N ARG C 432 9.85 3.04 22.60
CA ARG C 432 11.05 3.52 23.28
C ARG C 432 12.20 3.49 22.26
N MET C 433 12.82 4.64 22.06
CA MET C 433 13.90 4.80 21.09
C MET C 433 15.01 3.77 21.08
N GLU C 434 15.34 3.22 22.25
CA GLU C 434 16.39 2.20 22.32
C GLU C 434 16.07 1.11 21.29
N GLU C 435 14.78 0.87 21.09
CA GLU C 435 14.31 -0.14 20.15
C GLU C 435 14.55 0.34 18.72
N ILE C 436 14.24 1.61 18.47
CA ILE C 436 14.46 2.19 17.15
C ILE C 436 15.92 2.03 16.76
N VAL C 437 16.81 2.25 17.73
CA VAL C 437 18.25 2.11 17.51
C VAL C 437 18.58 0.67 17.14
N GLU C 438 18.22 -0.24 18.04
CA GLU C 438 18.47 -1.67 17.82
C GLU C 438 17.76 -2.08 16.53
N GLY C 439 16.69 -1.36 16.22
CA GLY C 439 15.92 -1.65 15.02
C GLY C 439 16.65 -1.30 13.76
N CYS C 440 16.89 -0.01 13.56
CA CYS C 440 17.57 0.45 12.37
C CYS C 440 18.91 -0.24 12.14
N THR C 441 19.83 -0.09 13.09
CA THR C 441 21.13 -0.72 12.97
C THR C 441 20.94 -2.20 12.66
N GLY C 442 19.97 -2.82 13.34
CA GLY C 442 19.70 -4.22 13.11
C GLY C 442 19.49 -4.48 11.63
N ALA C 443 18.68 -3.63 11.02
CA ALA C 443 18.39 -3.75 9.58
C ALA C 443 19.70 -3.53 8.84
N LEU C 444 20.25 -2.32 8.96
CA LEU C 444 21.52 -1.95 8.32
C LEU C 444 22.51 -3.12 8.37
N HIS C 445 22.53 -3.81 9.51
CA HIS C 445 23.41 -4.95 9.68
C HIS C 445 23.23 -5.92 8.52
N ILE C 446 21.99 -6.32 8.29
CA ILE C 446 21.70 -7.26 7.21
C ILE C 446 21.91 -6.68 5.84
N LEU C 447 21.58 -5.41 5.66
CA LEU C 447 21.76 -4.77 4.38
C LEU C 447 23.25 -4.71 4.09
N ALA C 448 24.04 -4.49 5.15
CA ALA C 448 25.48 -4.40 5.05
C ALA C 448 26.10 -5.58 4.31
N ARG C 449 25.36 -6.69 4.24
CA ARG C 449 25.88 -7.87 3.55
C ARG C 449 26.19 -7.62 2.07
N ASP C 450 25.57 -6.60 1.48
CA ASP C 450 25.80 -6.29 0.08
C ASP C 450 26.83 -5.17 -0.07
N VAL C 451 27.85 -5.46 -0.87
CA VAL C 451 28.95 -4.52 -1.13
C VAL C 451 28.52 -3.08 -1.37
N HIS C 452 27.72 -2.90 -2.42
CA HIS C 452 27.24 -1.58 -2.79
C HIS C 452 26.60 -0.86 -1.61
N ASN C 453 25.98 -1.64 -0.73
CA ASN C 453 25.35 -1.05 0.44
C ASN C 453 26.41 -0.56 1.40
N ARG C 454 27.36 -1.42 1.74
CA ARG C 454 28.43 -1.05 2.64
C ARG C 454 28.87 0.35 2.25
N ILE C 455 29.17 0.51 0.97
CA ILE C 455 29.59 1.78 0.41
C ILE C 455 28.64 2.90 0.83
N VAL C 456 27.36 2.70 0.53
CA VAL C 456 26.33 3.67 0.85
C VAL C 456 26.24 3.86 2.36
N ILE C 457 26.43 2.77 3.09
CA ILE C 457 26.37 2.82 4.54
C ILE C 457 27.46 3.72 5.09
N ARG C 458 28.72 3.35 4.87
CA ARG C 458 29.82 4.16 5.36
C ARG C 458 29.83 5.48 4.61
N GLY C 459 29.34 5.44 3.38
CA GLY C 459 29.29 6.63 2.55
C GLY C 459 28.46 7.74 3.18
N LEU C 460 27.78 7.42 4.27
CA LEU C 460 26.97 8.40 4.99
C LEU C 460 27.64 8.71 6.32
N ASN C 461 28.86 8.20 6.47
CA ASN C 461 29.63 8.39 7.68
C ASN C 461 28.79 7.90 8.86
N THR C 462 28.81 6.59 9.05
CA THR C 462 28.02 5.98 10.12
C THR C 462 28.94 5.47 11.21
N ILE C 463 30.14 5.07 10.81
CA ILE C 463 31.13 4.54 11.73
C ILE C 463 31.28 5.39 13.01
N PRO C 464 31.20 6.72 12.89
CA PRO C 464 31.33 7.55 14.09
C PRO C 464 30.30 7.11 15.12
N LEU C 465 29.16 6.65 14.63
CA LEU C 465 28.08 6.19 15.49
C LEU C 465 28.23 4.73 15.87
N PHE C 466 28.24 3.86 14.87
CA PHE C 466 28.37 2.42 15.10
C PHE C 466 29.28 2.03 16.25
N VAL C 467 30.56 2.37 16.14
CA VAL C 467 31.52 2.04 17.18
C VAL C 467 31.04 2.59 18.51
N GLN C 468 30.57 3.83 18.49
CA GLN C 468 30.07 4.49 19.70
C GLN C 468 28.87 3.75 20.28
N LEU C 469 28.31 2.82 19.51
CA LEU C 469 27.16 2.04 19.95
C LEU C 469 27.62 0.83 20.73
N LEU C 470 28.93 0.70 20.88
CA LEU C 470 29.51 -0.39 21.66
C LEU C 470 29.50 0.13 23.09
N TYR C 471 29.27 1.44 23.19
CA TYR C 471 29.18 2.14 24.47
C TYR C 471 27.72 2.13 24.87
N SER C 472 27.11 0.95 24.79
CA SER C 472 25.72 0.78 25.16
C SER C 472 25.60 -0.48 26.00
N PRO C 473 24.81 -0.43 27.07
CA PRO C 473 24.61 -1.57 27.97
C PRO C 473 23.68 -2.60 27.35
N ILE C 474 22.74 -2.13 26.53
CA ILE C 474 21.78 -3.00 25.86
C ILE C 474 22.49 -4.06 25.03
N GLU C 475 22.67 -5.22 25.63
CA GLU C 475 23.35 -6.36 25.01
C GLU C 475 22.96 -6.64 23.57
N ASN C 476 21.77 -6.19 23.17
CA ASN C 476 21.32 -6.41 21.81
C ASN C 476 21.80 -5.28 20.91
N ILE C 477 21.71 -4.04 21.38
CA ILE C 477 22.17 -2.92 20.57
C ILE C 477 23.63 -3.15 20.29
N GLN C 478 24.31 -3.76 21.25
CA GLN C 478 25.72 -4.06 21.07
C GLN C 478 25.83 -5.00 19.88
N ARG C 479 25.39 -6.24 20.10
CA ARG C 479 25.42 -7.30 19.11
C ARG C 479 25.34 -6.86 17.65
N VAL C 480 24.40 -5.97 17.33
CA VAL C 480 24.25 -5.52 15.95
C VAL C 480 25.33 -4.55 15.53
N ALA C 481 25.74 -3.65 16.43
CA ALA C 481 26.79 -2.70 16.11
C ALA C 481 28.06 -3.46 15.71
N ALA C 482 28.32 -4.58 16.38
CA ALA C 482 29.48 -5.40 16.09
C ALA C 482 29.29 -6.09 14.75
N GLY C 483 28.04 -6.46 14.46
CA GLY C 483 27.74 -7.11 13.19
C GLY C 483 27.82 -6.18 12.00
N VAL C 484 27.51 -4.91 12.20
CA VAL C 484 27.58 -3.93 11.12
C VAL C 484 29.04 -3.81 10.75
N LEU C 485 29.86 -3.65 11.78
CA LEU C 485 31.30 -3.52 11.63
C LEU C 485 31.85 -4.83 11.07
N CYS C 486 31.57 -5.93 11.77
CA CYS C 486 32.03 -7.25 11.32
C CYS C 486 31.82 -7.39 9.81
N GLU C 487 30.81 -6.68 9.31
CA GLU C 487 30.45 -6.68 7.90
C GLU C 487 31.16 -5.56 7.14
N LEU C 488 31.22 -4.39 7.76
CA LEU C 488 31.86 -3.23 7.15
C LEU C 488 33.38 -3.34 7.16
N ALA C 489 33.93 -3.95 8.21
CA ALA C 489 35.38 -4.12 8.33
C ALA C 489 35.88 -5.15 7.34
N GLN C 490 34.95 -5.85 6.70
CA GLN C 490 35.28 -6.86 5.70
C GLN C 490 35.99 -6.18 4.53
N ASP C 491 35.96 -4.85 4.53
CA ASP C 491 36.60 -4.05 3.51
C ASP C 491 37.73 -3.27 4.16
N LYS C 492 38.91 -3.31 3.55
CA LYS C 492 40.09 -2.64 4.07
C LYS C 492 39.88 -1.16 4.39
N GLU C 493 39.67 -0.35 3.35
CA GLU C 493 39.45 1.08 3.53
C GLU C 493 38.63 1.42 4.76
N ALA C 494 37.67 0.55 5.08
CA ALA C 494 36.80 0.76 6.22
C ALA C 494 37.39 0.17 7.50
N ALA C 495 37.85 -1.08 7.43
CA ALA C 495 38.44 -1.76 8.58
C ALA C 495 39.34 -0.81 9.36
N GLU C 496 40.07 0.03 8.63
CA GLU C 496 40.97 0.98 9.25
C GLU C 496 40.22 2.19 9.83
N ALA C 497 39.26 2.72 9.08
CA ALA C 497 38.47 3.87 9.52
C ALA C 497 37.73 3.55 10.81
N ILE C 498 37.64 2.25 11.13
CA ILE C 498 36.97 1.81 12.34
C ILE C 498 37.88 1.96 13.54
N GLU C 499 39.13 1.51 13.41
CA GLU C 499 40.09 1.62 14.51
C GLU C 499 40.53 3.07 14.64
N ALA C 500 40.25 3.86 13.60
CA ALA C 500 40.60 5.28 13.57
C ALA C 500 39.67 6.13 14.43
N GLU C 501 38.80 5.47 15.20
CA GLU C 501 37.85 6.17 16.06
C GLU C 501 37.93 5.63 17.50
N GLY C 502 38.65 4.52 17.68
CA GLY C 502 38.78 3.93 19.00
C GLY C 502 38.00 2.62 19.04
N ALA C 503 38.28 1.77 18.05
CA ALA C 503 37.61 0.49 17.91
C ALA C 503 38.00 -0.59 18.92
N THR C 504 39.23 -1.07 18.82
CA THR C 504 39.71 -2.12 19.73
C THR C 504 39.33 -1.86 21.17
N ALA C 505 39.59 -0.63 21.64
CA ALA C 505 39.29 -0.25 23.01
C ALA C 505 38.05 -0.93 23.60
N PRO C 506 36.83 -0.54 23.17
CA PRO C 506 35.68 -1.22 23.77
C PRO C 506 35.59 -2.68 23.32
N LEU C 507 35.65 -2.87 22.01
CA LEU C 507 35.55 -4.18 21.39
C LEU C 507 36.31 -5.31 22.09
N THR C 508 37.53 -5.04 22.55
CA THR C 508 38.32 -6.06 23.23
C THR C 508 37.53 -6.65 24.37
N GLU C 509 36.98 -5.76 25.18
CA GLU C 509 36.18 -6.14 26.35
C GLU C 509 35.03 -7.05 25.90
N LEU C 510 34.27 -6.57 24.91
CA LEU C 510 33.12 -7.29 24.37
C LEU C 510 33.48 -8.68 23.83
N LEU C 511 34.72 -9.10 24.03
CA LEU C 511 35.16 -10.42 23.58
C LEU C 511 34.80 -11.40 24.69
N HIS C 512 34.68 -10.86 25.90
CA HIS C 512 34.37 -11.62 27.09
C HIS C 512 32.86 -11.61 27.39
N SER C 513 32.11 -10.77 26.68
CA SER C 513 30.66 -10.67 26.89
C SER C 513 30.03 -12.05 26.94
N ARG C 514 28.93 -12.17 27.67
CA ARG C 514 28.23 -13.44 27.84
C ARG C 514 27.26 -13.76 26.71
N ASN C 515 27.29 -12.93 25.66
CA ASN C 515 26.42 -13.12 24.51
C ASN C 515 27.18 -13.89 23.44
N GLU C 516 26.81 -15.16 23.23
CA GLU C 516 27.48 -15.97 22.22
C GLU C 516 27.57 -15.24 20.89
N GLY C 517 26.69 -14.25 20.74
CA GLY C 517 26.67 -13.46 19.53
C GLY C 517 27.70 -12.34 19.61
N VAL C 518 27.45 -11.36 20.47
CA VAL C 518 28.34 -10.22 20.63
C VAL C 518 29.81 -10.62 20.60
N ALA C 519 30.11 -11.82 21.11
CA ALA C 519 31.47 -12.32 21.11
C ALA C 519 31.95 -12.56 19.69
N THR C 520 31.49 -13.65 19.10
CA THR C 520 31.86 -14.03 17.74
C THR C 520 31.97 -12.83 16.80
N TYR C 521 31.17 -11.80 17.05
CA TYR C 521 31.23 -10.61 16.22
C TYR C 521 32.44 -9.78 16.64
N ALA C 522 32.46 -9.37 17.91
CA ALA C 522 33.55 -8.58 18.46
C ALA C 522 34.92 -9.13 18.05
N ALA C 523 35.00 -10.46 17.94
CA ALA C 523 36.25 -11.12 17.56
C ALA C 523 36.60 -10.79 16.11
N ALA C 524 35.80 -11.32 15.19
CA ALA C 524 36.00 -11.09 13.77
C ALA C 524 36.21 -9.62 13.45
N VAL C 525 35.67 -8.73 14.27
CA VAL C 525 35.83 -7.30 14.01
C VAL C 525 37.27 -6.84 14.23
N LEU C 526 37.78 -7.01 15.45
CA LEU C 526 39.16 -6.63 15.76
C LEU C 526 40.05 -7.36 14.77
N PHE C 527 39.89 -8.69 14.76
CA PHE C 527 40.64 -9.60 13.89
C PHE C 527 40.92 -9.00 12.49
N ARG C 528 39.88 -8.88 11.67
CA ARG C 528 40.02 -8.33 10.33
C ARG C 528 40.66 -6.94 10.39
N MET C 529 40.13 -6.11 11.28
CA MET C 529 40.59 -4.74 11.46
C MET C 529 42.10 -4.57 11.30
N SER C 530 42.86 -5.56 11.75
CA SER C 530 44.31 -5.52 11.63
C SER C 530 44.74 -6.70 10.76
N GLU C 531 44.90 -6.43 9.46
CA GLU C 531 45.27 -7.44 8.50
C GLU C 531 45.93 -6.82 7.27
N ARG D 53 2.41 -3.14 21.87
CA ARG D 53 2.85 -4.35 21.12
C ARG D 53 3.97 -5.10 21.82
N ASN D 54 3.62 -5.91 22.82
CA ASN D 54 4.60 -6.69 23.58
C ASN D 54 5.36 -7.72 22.75
N ASP D 55 6.68 -7.62 22.78
CA ASP D 55 7.55 -8.53 22.03
C ASP D 55 7.57 -9.92 22.65
N VAL D 56 7.56 -10.95 21.79
CA VAL D 56 7.55 -12.35 22.22
C VAL D 56 8.72 -13.13 21.62
N ALA D 57 9.61 -13.61 22.50
CA ALA D 57 10.80 -14.37 22.09
C ALA D 57 10.54 -15.87 21.91
N PRO D 58 11.22 -16.49 20.94
CA PRO D 58 11.10 -17.92 20.62
C PRO D 58 11.01 -18.85 21.83
N GLY D 77 42.80 -20.20 13.11
CA GLY D 77 42.49 -18.78 13.25
C GLY D 77 41.28 -18.36 12.44
N ASN D 78 40.76 -19.28 11.63
CA ASN D 78 39.58 -18.99 10.80
C ASN D 78 38.34 -19.58 11.45
N PHE D 79 38.49 -20.02 12.69
CA PHE D 79 37.38 -20.58 13.45
C PHE D 79 36.30 -19.51 13.49
N ILE D 80 36.76 -18.26 13.41
CA ILE D 80 35.89 -17.10 13.43
C ILE D 80 34.91 -17.10 12.27
N ASP D 81 35.40 -17.37 11.07
CA ASP D 81 34.55 -17.37 9.88
C ASP D 81 33.64 -18.59 9.69
N GLU D 82 33.63 -19.50 10.66
CA GLU D 82 32.76 -20.67 10.59
C GLU D 82 31.87 -20.76 11.82
N ASN D 83 32.34 -20.18 12.91
CA ASN D 83 31.57 -20.15 14.14
C ASN D 83 30.83 -18.82 14.10
N LEU D 84 30.93 -18.17 12.94
CA LEU D 84 30.29 -16.88 12.70
C LEU D 84 29.01 -17.14 11.91
N LYS D 85 29.03 -18.18 11.07
CA LYS D 85 27.89 -18.54 10.27
C LYS D 85 26.68 -18.95 11.12
N ALA D 86 26.91 -19.13 12.42
CA ALA D 86 25.84 -19.48 13.33
C ALA D 86 25.36 -18.19 13.99
N ALA D 87 26.30 -17.31 14.27
CA ALA D 87 26.00 -16.03 14.90
C ALA D 87 25.07 -15.23 13.99
N ASP D 88 25.04 -15.62 12.72
CA ASP D 88 24.19 -14.94 11.75
C ASP D 88 22.84 -15.66 11.67
N SER D 89 22.88 -16.98 11.64
CA SER D 89 21.67 -17.80 11.56
C SER D 89 21.21 -18.25 12.94
N ASP D 90 21.05 -17.29 13.85
CA ASP D 90 20.62 -17.60 15.21
C ASP D 90 19.12 -17.43 15.40
N PRO D 91 18.38 -18.55 15.49
CA PRO D 91 16.93 -18.52 15.67
C PRO D 91 16.48 -17.79 16.93
N THR D 92 17.30 -17.84 17.98
CA THR D 92 16.97 -17.19 19.24
C THR D 92 17.48 -15.75 19.30
N ALA D 93 17.59 -15.12 18.14
CA ALA D 93 18.07 -13.75 18.04
C ALA D 93 17.03 -12.85 17.38
N PRO D 94 17.07 -11.54 17.72
CA PRO D 94 16.19 -10.46 17.21
C PRO D 94 16.13 -10.36 15.69
N PRO D 95 15.09 -9.71 15.14
CA PRO D 95 13.97 -9.06 15.83
C PRO D 95 12.91 -10.13 16.07
N TYR D 96 12.24 -10.06 17.22
CA TYR D 96 11.23 -11.05 17.55
C TYR D 96 9.81 -10.66 17.10
N ASP D 97 8.94 -11.66 17.02
CA ASP D 97 7.56 -11.43 16.62
C ASP D 97 6.91 -10.65 17.76
N SER D 98 5.66 -10.23 17.60
CA SER D 98 5.02 -9.48 18.67
C SER D 98 3.51 -9.40 18.54
N LEU D 99 2.86 -9.48 19.68
CA LEU D 99 1.41 -9.39 19.76
C LEU D 99 0.96 -7.94 19.85
N LEU D 100 -0.33 -7.73 19.65
CA LEU D 100 -0.94 -6.41 19.74
C LEU D 100 -2.29 -6.68 20.38
N VAL D 101 -2.42 -6.37 21.65
CA VAL D 101 -3.69 -6.63 22.33
C VAL D 101 -4.80 -5.67 21.94
N PHE D 102 -5.87 -6.19 21.34
CA PHE D 102 -6.98 -5.35 20.95
C PHE D 102 -8.07 -5.39 22.03
N ASP D 103 -8.70 -4.26 22.28
CA ASP D 103 -9.73 -4.16 23.31
C ASP D 103 -11.03 -3.54 22.82
N TYR D 104 -11.47 -3.88 21.62
CA TYR D 104 -12.69 -3.29 21.09
C TYR D 104 -13.98 -3.92 21.65
N GLU D 105 -14.76 -3.14 22.38
CA GLU D 105 -15.99 -3.65 22.95
C GLU D 105 -17.24 -3.17 22.22
N GLY D 106 -17.11 -2.15 21.38
CA GLY D 106 -18.25 -1.68 20.63
C GLY D 106 -19.17 -0.69 21.31
N SER D 107 -20.49 -0.91 21.19
CA SER D 107 -21.50 -0.03 21.78
C SER D 107 -22.85 -0.75 21.94
N GLU D 121 -49.90 -10.80 24.56
CA GLU D 121 -50.80 -11.93 24.38
C GLU D 121 -52.22 -11.46 24.00
N SER D 122 -52.68 -11.83 22.81
CA SER D 122 -54.01 -11.42 22.33
C SER D 122 -55.09 -12.43 22.66
N ASP D 123 -56.11 -11.96 23.38
CA ASP D 123 -57.25 -12.80 23.75
C ASP D 123 -58.51 -11.96 23.60
N GLN D 124 -59.44 -12.43 22.77
CA GLN D 124 -60.70 -11.75 22.55
C GLN D 124 -61.77 -12.48 23.35
N ASP D 125 -61.31 -13.46 24.12
CA ASP D 125 -62.15 -14.29 24.97
C ASP D 125 -62.72 -13.56 26.18
N GLN D 126 -64.00 -13.20 26.09
CA GLN D 126 -64.68 -12.50 27.17
C GLN D 126 -65.51 -13.50 27.99
N ASP D 127 -65.12 -14.77 27.91
CA ASP D 127 -65.82 -15.83 28.63
C ASP D 127 -65.35 -15.90 30.07
N TYR D 128 -65.99 -15.14 30.96
CA TYR D 128 -65.62 -15.17 32.37
C TYR D 128 -66.71 -15.91 33.15
N ASP D 129 -67.60 -16.56 32.42
CA ASP D 129 -68.70 -17.29 33.04
C ASP D 129 -68.24 -18.18 34.20
N TYR D 130 -67.03 -18.72 34.08
CA TYR D 130 -66.49 -19.60 35.12
C TYR D 130 -66.54 -18.98 36.52
N LEU D 131 -66.71 -17.65 36.56
CA LEU D 131 -66.78 -16.92 37.82
C LEU D 131 -68.04 -17.25 38.60
N ASN D 132 -69.12 -17.50 37.87
CA ASN D 132 -70.40 -17.84 38.49
C ASN D 132 -70.34 -19.24 39.11
N GLU D 133 -69.46 -20.08 38.59
CA GLU D 133 -69.33 -21.42 39.13
C GLU D 133 -68.25 -21.49 40.21
N TRP D 134 -67.82 -20.33 40.71
CA TRP D 134 -66.80 -20.29 41.75
C TRP D 134 -67.33 -19.87 43.11
N GLY D 135 -66.42 -19.63 44.05
CA GLY D 135 -66.82 -19.23 45.39
C GLY D 135 -67.75 -18.03 45.40
N ASN D 136 -68.27 -17.73 46.60
CA ASN D 136 -69.17 -16.61 46.77
C ASN D 136 -68.33 -15.33 46.75
N ARG D 137 -67.06 -15.48 47.09
CA ARG D 137 -66.14 -14.36 47.14
C ARG D 137 -65.90 -13.76 45.76
N PHE D 138 -66.40 -14.44 44.73
CA PHE D 138 -66.25 -13.98 43.37
C PHE D 138 -67.58 -13.51 42.81
N LYS D 139 -68.60 -13.48 43.66
CA LYS D 139 -69.93 -13.05 43.25
C LYS D 139 -69.85 -11.68 42.59
N LYS D 140 -69.38 -10.69 43.34
CA LYS D 140 -69.27 -9.33 42.86
C LYS D 140 -68.57 -9.25 41.50
N LEU D 141 -67.61 -10.14 41.27
CA LEU D 141 -66.88 -10.18 40.00
C LEU D 141 -67.71 -10.81 38.90
N ALA D 142 -68.26 -11.98 39.19
CA ALA D 142 -69.10 -12.69 38.23
C ALA D 142 -70.19 -11.75 37.74
N ASP D 143 -70.73 -10.96 38.65
CA ASP D 143 -71.78 -10.00 38.36
C ASP D 143 -71.37 -8.98 37.29
N MET D 144 -70.11 -8.55 37.32
CA MET D 144 -69.62 -7.58 36.36
C MET D 144 -69.20 -8.18 35.03
N TYR D 145 -68.43 -9.28 35.09
CA TYR D 145 -67.93 -9.93 33.87
C TYR D 145 -68.73 -11.12 33.35
N GLY D 146 -69.91 -11.34 33.94
CA GLY D 146 -70.75 -12.45 33.51
C GLY D 146 -70.40 -13.74 34.23
#